data_2Z0F
#
_entry.id   2Z0F
#
_cell.length_a   80.676
_cell.length_b   102.297
_cell.length_c   87.462
_cell.angle_alpha   90.00
_cell.angle_beta   117.19
_cell.angle_gamma   90.00
#
_symmetry.space_group_name_H-M   'P 1 21 1'
#
loop_
_entity.id
_entity.type
_entity.pdbx_description
1 polymer 'Putative phosphoglucomutase'
2 water water
#
_entity_poly.entity_id   1
_entity_poly.type   'polypeptide(L)'
_entity_poly.pdbx_seq_one_letter_code
;MEITRLLTLYYEATPDPQNPLEGVRFGTSGHRGSSLKATFTEAHVLAIAQAIAELRPSFGATGPLFLAKDTHALSEPAWA
TALSVFAAHGIEVRVEADGDYTPTPLVSLAILEHNAHHEAKADGVLLTPSHNPPEDGGFKYNPPTGGPANARITRAIEER
ANALLQEGLKGVKRLPLREALARAKPFDYAGLYVEKVAEAVDLEAIRASGLRIGVDPLGGASLRVWERLAESHGLPLEVV
NPTLDPTFRFMPKDHDGKIRMDCSSPYAMAGLLALKDRFDLAIGNDPDADRHGIVTPRGLMNPNHYLAAALHHLYTTRSW
PGAKVGKTAVTSALLDRVAQALGREVYETPVGFKHFVAGLLEGWLGFAGEESAGASFLRFDGRPFSTDKDGILMGLLAAE
LMAKRGQAPDALYEALAEKLGRPYYARKDLPVSPEAKARLARLSAKEVHPSTLAGEPVLQVLDRATGNGEPLGGIKVVAA
NAWFAVRPSGTEDVAKVYAESFLGEAHLERVLEEATALLHKALA
;
_entity_poly.pdbx_strand_id   A,B
#
# COMPACT_ATOMS: atom_id res chain seq x y z
N MET A 1 -4.15 -5.63 0.14
CA MET A 1 -5.37 -5.52 -0.71
C MET A 1 -4.99 -4.98 -2.10
N GLU A 2 -5.99 -4.49 -2.83
CA GLU A 2 -5.78 -3.97 -4.17
C GLU A 2 -4.79 -2.81 -4.22
N ILE A 3 -4.42 -2.27 -3.06
CA ILE A 3 -3.48 -1.16 -3.05
C ILE A 3 -2.04 -1.56 -3.38
N THR A 4 -1.56 -2.70 -2.86
CA THR A 4 -0.20 -3.11 -3.16
C THR A 4 -0.15 -3.42 -4.64
N ARG A 5 -1.26 -3.94 -5.16
CA ARG A 5 -1.34 -4.27 -6.58
C ARG A 5 -1.26 -2.98 -7.39
N LEU A 6 -1.97 -1.96 -6.91
CA LEU A 6 -2.00 -0.66 -7.56
C LEU A 6 -0.60 -0.09 -7.71
N LEU A 7 0.20 -0.16 -6.65
CA LEU A 7 1.56 0.36 -6.69
C LEU A 7 2.49 -0.55 -7.50
N THR A 8 2.33 -1.86 -7.36
CA THR A 8 3.18 -2.79 -8.11
C THR A 8 2.95 -2.55 -9.61
N LEU A 9 1.68 -2.37 -10.00
CA LEU A 9 1.36 -2.13 -11.41
C LEU A 9 1.89 -0.82 -11.93
N TYR A 10 2.22 0.09 -11.02
CA TYR A 10 2.76 1.37 -11.42
C TYR A 10 4.11 1.16 -12.09
N TYR A 11 4.83 0.15 -11.59
CA TYR A 11 6.16 -0.17 -12.08
C TYR A 11 6.20 -1.33 -13.07
N GLU A 12 5.36 -2.34 -12.86
CA GLU A 12 5.34 -3.48 -13.75
C GLU A 12 4.59 -3.26 -15.06
N ALA A 13 3.71 -2.26 -15.08
CA ALA A 13 2.94 -1.97 -16.29
C ALA A 13 3.50 -0.81 -17.10
N THR A 14 3.14 -0.77 -18.38
CA THR A 14 3.58 0.30 -19.28
C THR A 14 2.52 0.50 -20.34
N PRO A 15 2.46 1.70 -20.94
CA PRO A 15 1.47 1.99 -21.98
C PRO A 15 1.84 1.34 -23.32
N ASP A 16 0.83 0.87 -24.04
CA ASP A 16 1.08 0.26 -25.35
C ASP A 16 1.44 1.38 -26.31
N PRO A 17 2.59 1.24 -27.00
CA PRO A 17 3.05 2.25 -27.96
C PRO A 17 2.09 2.45 -29.12
N GLN A 18 1.39 1.38 -29.48
CA GLN A 18 0.44 1.43 -30.58
C GLN A 18 -0.98 1.89 -30.21
N ASN A 19 -1.17 2.36 -28.98
CA ASN A 19 -2.50 2.81 -28.56
C ASN A 19 -2.50 4.20 -27.91
N PRO A 20 -2.94 5.21 -28.67
CA PRO A 20 -3.00 6.61 -28.24
C PRO A 20 -3.78 6.85 -26.95
N LEU A 21 -4.70 5.95 -26.63
CA LEU A 21 -5.49 6.10 -25.43
C LEU A 21 -4.67 5.85 -24.17
N GLU A 22 -3.52 5.19 -24.32
CA GLU A 22 -2.67 4.89 -23.16
C GLU A 22 -1.43 5.78 -23.11
N GLY A 23 -1.28 6.66 -24.09
CA GLY A 23 -0.13 7.56 -24.11
C GLY A 23 -0.31 8.72 -23.16
N VAL A 24 0.54 9.73 -23.24
CA VAL A 24 0.38 10.87 -22.36
C VAL A 24 -0.73 11.74 -22.89
N ARG A 25 -1.69 12.05 -22.02
CA ARG A 25 -2.81 12.91 -22.39
C ARG A 25 -2.82 14.06 -21.39
N PHE A 26 -1.98 15.06 -21.67
CA PHE A 26 -1.86 16.23 -20.81
C PHE A 26 -2.92 17.26 -21.12
N GLY A 27 -4.06 17.19 -20.42
CA GLY A 27 -5.13 18.13 -20.67
C GLY A 27 -5.06 19.37 -19.78
N THR A 28 -6.21 19.92 -19.42
CA THR A 28 -6.22 21.10 -18.56
C THR A 28 -5.85 20.69 -17.14
N SER A 29 -6.23 19.47 -16.76
CA SER A 29 -5.93 18.95 -15.43
C SER A 29 -4.61 18.17 -15.41
N GLY A 30 -3.79 18.35 -16.43
CA GLY A 30 -2.53 17.63 -16.51
C GLY A 30 -2.77 16.24 -17.05
N HIS A 31 -1.99 15.27 -16.60
CA HIS A 31 -2.17 13.89 -17.05
C HIS A 31 -2.76 13.06 -15.93
N ARG A 32 -3.88 12.39 -16.22
CA ARG A 32 -4.52 11.55 -15.22
C ARG A 32 -4.72 10.14 -15.77
N GLY A 33 -4.61 9.16 -14.90
CA GLY A 33 -4.79 7.79 -15.31
C GLY A 33 -4.65 6.85 -14.12
N SER A 34 -4.59 5.56 -14.40
CA SER A 34 -4.45 4.56 -13.35
C SER A 34 -3.50 3.49 -13.84
N SER A 35 -2.81 2.85 -12.90
CA SER A 35 -1.88 1.79 -13.26
C SER A 35 -2.71 0.56 -13.60
N LEU A 36 -3.86 0.43 -12.94
CA LEU A 36 -4.74 -0.71 -13.20
C LEU A 36 -5.14 -0.76 -14.68
N LYS A 37 -4.93 0.35 -15.39
CA LYS A 37 -5.27 0.44 -16.80
C LYS A 37 -4.07 0.86 -17.65
N ALA A 38 -2.89 0.79 -17.07
CA ALA A 38 -1.65 1.17 -17.75
C ALA A 38 -1.72 2.59 -18.30
N THR A 39 -2.52 3.44 -17.67
CA THR A 39 -2.67 4.82 -18.11
C THR A 39 -1.86 5.78 -17.25
N PHE A 40 -1.50 5.34 -16.05
CA PHE A 40 -0.64 6.14 -15.16
C PHE A 40 0.43 5.20 -14.60
N THR A 41 1.61 5.25 -15.21
CA THR A 41 2.73 4.39 -14.82
C THR A 41 4.04 5.15 -14.81
N GLU A 42 5.06 4.53 -14.22
CA GLU A 42 6.41 5.12 -14.14
C GLU A 42 6.88 5.59 -15.52
N ALA A 43 6.48 4.89 -16.56
CA ALA A 43 6.89 5.28 -17.91
C ALA A 43 6.31 6.66 -18.18
N HIS A 44 5.04 6.85 -17.81
CA HIS A 44 4.37 8.12 -17.99
C HIS A 44 5.09 9.23 -17.24
N VAL A 45 5.30 9.03 -15.93
CA VAL A 45 5.96 10.06 -15.13
C VAL A 45 7.37 10.36 -15.63
N LEU A 46 8.13 9.32 -15.94
CA LEU A 46 9.48 9.50 -16.46
C LEU A 46 9.44 10.39 -17.70
N ALA A 47 8.56 10.05 -18.64
CA ALA A 47 8.43 10.81 -19.88
C ALA A 47 7.99 12.28 -19.70
N ILE A 48 7.05 12.53 -18.79
CA ILE A 48 6.59 13.89 -18.56
C ILE A 48 7.64 14.70 -17.80
N ALA A 49 8.16 14.14 -16.73
CA ALA A 49 9.17 14.84 -15.94
C ALA A 49 10.34 15.24 -16.84
N GLN A 50 10.74 14.32 -17.73
CA GLN A 50 11.85 14.58 -18.64
C GLN A 50 11.46 15.68 -19.63
N ALA A 51 10.20 15.65 -20.06
CA ALA A 51 9.70 16.65 -20.99
C ALA A 51 9.74 18.03 -20.33
N ILE A 52 9.21 18.12 -19.11
CA ILE A 52 9.20 19.40 -18.39
C ILE A 52 10.62 19.88 -18.13
N ALA A 53 11.52 18.95 -17.81
CA ALA A 53 12.91 19.32 -17.54
C ALA A 53 13.55 19.98 -18.77
N GLU A 54 13.24 19.47 -19.96
CA GLU A 54 13.78 20.01 -21.19
C GLU A 54 13.10 21.29 -21.66
N LEU A 55 11.84 21.48 -21.28
CA LEU A 55 11.09 22.65 -21.71
C LEU A 55 10.98 23.83 -20.73
N ARG A 56 11.25 23.60 -19.44
CA ARG A 56 11.19 24.68 -18.45
C ARG A 56 11.80 25.99 -18.96
N PRO A 57 13.01 25.91 -19.53
CA PRO A 57 13.65 27.13 -20.03
C PRO A 57 12.75 27.93 -20.96
N SER A 58 12.14 27.26 -21.94
CA SER A 58 11.28 27.95 -22.91
C SER A 58 10.00 28.43 -22.24
N PHE A 59 9.58 27.76 -21.17
CA PHE A 59 8.38 28.17 -20.46
C PHE A 59 8.74 29.35 -19.57
N GLY A 60 10.01 29.73 -19.59
CA GLY A 60 10.46 30.85 -18.78
C GLY A 60 10.82 30.52 -17.34
N ALA A 61 11.01 29.23 -17.02
CA ALA A 61 11.37 28.84 -15.67
C ALA A 61 12.84 28.41 -15.61
N THR A 62 13.67 29.16 -14.90
CA THR A 62 15.09 28.86 -14.78
C THR A 62 15.50 28.84 -13.32
N GLY A 63 14.51 28.82 -12.44
CA GLY A 63 14.79 28.82 -11.01
C GLY A 63 14.38 27.50 -10.42
N PRO A 64 14.00 27.49 -9.14
CA PRO A 64 13.58 26.28 -8.44
C PRO A 64 12.30 25.70 -9.02
N LEU A 65 12.11 24.40 -8.77
CA LEU A 65 10.93 23.70 -9.20
C LEU A 65 10.32 23.23 -7.90
N PHE A 66 9.07 23.61 -7.64
CA PHE A 66 8.41 23.22 -6.42
C PHE A 66 7.69 21.90 -6.64
N LEU A 67 8.17 20.86 -5.98
CA LEU A 67 7.58 19.54 -6.10
C LEU A 67 6.62 19.33 -4.96
N ALA A 68 5.51 18.65 -5.24
CA ALA A 68 4.51 18.39 -4.22
C ALA A 68 3.71 17.13 -4.58
N LYS A 69 3.15 16.48 -3.56
CA LYS A 69 2.35 15.28 -3.80
C LYS A 69 1.15 15.28 -2.86
N ASP A 70 0.06 14.66 -3.30
CA ASP A 70 -1.11 14.62 -2.44
C ASP A 70 -1.12 13.26 -1.77
N THR A 71 -2.26 12.89 -1.19
CA THR A 71 -2.40 11.62 -0.48
C THR A 71 -2.84 10.42 -1.33
N HIS A 72 -2.93 10.59 -2.65
CA HIS A 72 -3.28 9.46 -3.49
C HIS A 72 -2.08 8.52 -3.56
N ALA A 73 -2.30 7.24 -3.29
CA ALA A 73 -1.23 6.23 -3.32
C ALA A 73 -0.26 6.41 -4.51
N LEU A 74 -0.78 6.39 -5.73
CA LEU A 74 0.05 6.54 -6.90
C LEU A 74 0.84 7.84 -6.96
N SER A 75 0.64 8.70 -5.97
CA SER A 75 1.36 9.97 -5.96
C SER A 75 2.73 9.76 -5.35
N GLU A 76 2.80 8.82 -4.42
CA GLU A 76 4.05 8.48 -3.74
C GLU A 76 5.14 8.13 -4.76
N PRO A 77 4.98 7.01 -5.49
CA PRO A 77 6.01 6.67 -6.47
C PRO A 77 6.25 7.73 -7.55
N ALA A 78 5.18 8.44 -7.92
CA ALA A 78 5.29 9.49 -8.93
C ALA A 78 6.22 10.59 -8.44
N TRP A 79 6.12 10.89 -7.15
CA TRP A 79 6.98 11.89 -6.54
C TRP A 79 8.44 11.42 -6.67
N ALA A 80 8.67 10.16 -6.33
CA ALA A 80 10.00 9.57 -6.40
C ALA A 80 10.53 9.64 -7.83
N THR A 81 9.73 9.20 -8.80
CA THR A 81 10.14 9.22 -10.20
C THR A 81 10.46 10.63 -10.71
N ALA A 82 9.55 11.57 -10.44
CA ALA A 82 9.72 12.95 -10.89
C ALA A 82 10.93 13.59 -10.24
N LEU A 83 11.10 13.38 -8.94
CA LEU A 83 12.24 13.95 -8.23
C LEU A 83 13.55 13.42 -8.83
N SER A 84 13.59 12.12 -9.10
CA SER A 84 14.78 11.51 -9.67
C SER A 84 15.15 12.15 -10.99
N VAL A 85 14.17 12.34 -11.87
CA VAL A 85 14.47 12.95 -13.16
C VAL A 85 14.89 14.40 -13.04
N PHE A 86 14.14 15.18 -12.27
CA PHE A 86 14.46 16.61 -12.10
C PHE A 86 15.84 16.81 -11.49
N ALA A 87 16.19 15.96 -10.52
CA ALA A 87 17.51 16.05 -9.88
C ALA A 87 18.63 15.78 -10.88
N ALA A 88 18.41 14.85 -11.80
CA ALA A 88 19.42 14.52 -12.80
C ALA A 88 19.71 15.68 -13.72
N HIS A 89 18.78 16.63 -13.82
CA HIS A 89 18.97 17.78 -14.68
C HIS A 89 19.53 18.98 -13.93
N GLY A 90 20.04 18.75 -12.72
CA GLY A 90 20.61 19.83 -11.94
C GLY A 90 19.61 20.89 -11.51
N ILE A 91 18.33 20.57 -11.63
CA ILE A 91 17.28 21.50 -11.25
C ILE A 91 17.20 21.53 -9.73
N GLU A 92 17.15 22.71 -9.13
CA GLU A 92 17.02 22.76 -7.69
C GLU A 92 15.57 22.41 -7.39
N VAL A 93 15.35 21.29 -6.69
CA VAL A 93 14.00 20.87 -6.38
C VAL A 93 13.66 21.12 -4.91
N ARG A 94 12.56 21.84 -4.67
CA ARG A 94 12.10 22.13 -3.31
C ARG A 94 11.07 21.07 -2.96
N VAL A 95 11.13 20.53 -1.74
CA VAL A 95 10.19 19.50 -1.31
C VAL A 95 9.61 19.81 0.08
N GLU A 96 8.47 19.17 0.37
CA GLU A 96 7.78 19.34 1.65
C GLU A 96 8.69 19.06 2.86
N ALA A 97 8.89 20.09 3.68
CA ALA A 97 9.72 19.99 4.88
C ALA A 97 8.95 19.45 6.08
N ASP A 98 7.67 19.82 6.17
CA ASP A 98 6.80 19.40 7.27
C ASP A 98 5.74 18.43 6.71
N GLY A 99 5.74 17.20 7.22
CA GLY A 99 4.78 16.23 6.71
C GLY A 99 5.25 15.83 5.33
N ASP A 100 4.51 14.96 4.66
CA ASP A 100 4.94 14.53 3.33
C ASP A 100 4.10 15.10 2.21
N TYR A 101 2.91 15.58 2.55
CA TYR A 101 2.00 16.09 1.55
C TYR A 101 1.90 17.60 1.51
N THR A 102 1.49 18.13 0.35
CA THR A 102 1.37 19.56 0.19
C THR A 102 0.32 19.96 -0.85
N PRO A 103 -0.74 20.66 -0.42
CA PRO A 103 -1.88 21.15 -1.21
C PRO A 103 -1.52 22.00 -2.41
N THR A 104 -2.29 21.85 -3.49
CA THR A 104 -2.05 22.61 -4.70
C THR A 104 -1.89 24.10 -4.45
N PRO A 105 -2.86 24.72 -3.75
CA PRO A 105 -2.72 26.16 -3.48
C PRO A 105 -1.39 26.53 -2.82
N LEU A 106 -0.91 25.72 -1.89
CA LEU A 106 0.36 26.05 -1.24
C LEU A 106 1.53 26.12 -2.23
N VAL A 107 1.48 25.31 -3.29
CA VAL A 107 2.53 25.37 -4.31
C VAL A 107 2.37 26.67 -5.07
N SER A 108 1.13 26.99 -5.44
CA SER A 108 0.85 28.23 -6.16
C SER A 108 1.43 29.44 -5.42
N LEU A 109 1.19 29.52 -4.12
CA LEU A 109 1.72 30.64 -3.34
C LEU A 109 3.25 30.69 -3.41
N ALA A 110 3.90 29.54 -3.25
CA ALA A 110 5.36 29.47 -3.27
C ALA A 110 5.95 30.01 -4.57
N ILE A 111 5.32 29.66 -5.70
CA ILE A 111 5.80 30.12 -6.99
C ILE A 111 5.67 31.64 -7.06
N LEU A 112 4.44 32.12 -6.79
CA LEU A 112 4.13 33.54 -6.82
C LEU A 112 5.06 34.32 -5.93
N GLU A 113 5.20 33.85 -4.70
CA GLU A 113 6.02 34.50 -3.71
C GLU A 113 7.47 34.52 -4.18
N HIS A 114 7.95 33.41 -4.73
CA HIS A 114 9.33 33.37 -5.21
C HIS A 114 9.53 34.27 -6.42
N ASN A 115 8.64 34.16 -7.41
CA ASN A 115 8.78 34.96 -8.61
C ASN A 115 8.58 36.46 -8.42
N ALA A 116 8.14 36.86 -7.23
CA ALA A 116 7.94 38.28 -6.95
C ALA A 116 9.21 38.86 -6.29
N HIS A 117 10.18 38.00 -6.01
CA HIS A 117 11.41 38.44 -5.38
C HIS A 117 12.69 37.91 -6.00
N HIS A 118 12.59 37.25 -7.16
CA HIS A 118 13.77 36.70 -7.81
C HIS A 118 13.68 36.84 -9.33
N GLU A 119 14.83 36.80 -10.00
CA GLU A 119 14.85 36.92 -11.45
C GLU A 119 14.74 35.57 -12.15
N ALA A 120 15.30 34.53 -11.56
CA ALA A 120 15.22 33.20 -12.15
C ALA A 120 13.89 32.66 -11.64
N LYS A 121 12.87 32.73 -12.49
CA LYS A 121 11.52 32.31 -12.11
C LYS A 121 11.33 30.84 -11.85
N ALA A 122 10.46 30.55 -10.89
CA ALA A 122 10.13 29.21 -10.47
C ALA A 122 8.83 28.68 -11.07
N ASP A 123 8.69 27.35 -11.08
CA ASP A 123 7.49 26.70 -11.57
C ASP A 123 7.19 25.60 -10.57
N GLY A 124 6.21 24.76 -10.85
CA GLY A 124 5.92 23.69 -9.91
C GLY A 124 5.36 22.44 -10.55
N VAL A 125 5.47 21.33 -9.83
CA VAL A 125 4.97 20.06 -10.33
C VAL A 125 4.21 19.42 -9.20
N LEU A 126 2.96 19.08 -9.46
CA LEU A 126 2.15 18.47 -8.45
C LEU A 126 1.69 17.11 -8.88
N LEU A 127 1.87 16.13 -8.02
CA LEU A 127 1.46 14.78 -8.32
C LEU A 127 0.14 14.56 -7.61
N THR A 128 -0.93 14.72 -8.39
CA THR A 128 -2.28 14.57 -7.89
C THR A 128 -3.27 14.39 -9.04
N PRO A 129 -4.32 13.57 -8.84
CA PRO A 129 -5.33 13.34 -9.87
C PRO A 129 -6.52 14.28 -9.65
N ASN A 132 -10.32 12.82 -8.48
CA ASN A 132 -10.67 11.51 -9.02
C ASN A 132 -10.58 10.45 -7.93
N PRO A 133 -11.15 9.25 -8.19
CA PRO A 133 -11.14 8.11 -7.25
C PRO A 133 -9.76 7.71 -6.73
N PRO A 134 -9.71 6.89 -5.67
CA PRO A 134 -8.45 6.43 -5.06
C PRO A 134 -7.61 5.56 -6.00
N GLU A 135 -8.26 5.03 -7.02
CA GLU A 135 -7.63 4.14 -8.00
C GLU A 135 -6.63 4.78 -8.94
N ASP A 136 -6.55 6.10 -8.98
CA ASP A 136 -5.63 6.69 -9.92
C ASP A 136 -4.80 7.89 -9.46
N GLY A 137 -3.94 8.35 -10.36
CA GLY A 137 -3.08 9.47 -10.04
C GLY A 137 -2.90 10.42 -11.22
N GLY A 138 -2.24 11.53 -10.97
CA GLY A 138 -2.04 12.50 -12.03
C GLY A 138 -0.75 13.25 -11.88
N PHE A 139 -0.40 14.00 -12.91
CA PHE A 139 0.81 14.77 -12.94
C PHE A 139 0.45 16.11 -13.54
N LYS A 140 0.47 17.16 -12.71
CA LYS A 140 0.12 18.50 -13.18
C LYS A 140 1.35 19.40 -13.16
N TYR A 141 1.31 20.41 -14.02
CA TYR A 141 2.39 21.36 -14.11
C TYR A 141 1.81 22.77 -13.99
N ASN A 142 2.46 23.59 -13.16
CA ASN A 142 2.07 24.98 -12.95
C ASN A 142 3.28 25.82 -13.32
N PRO A 143 3.18 26.63 -14.38
CA PRO A 143 4.28 27.49 -14.84
C PRO A 143 4.62 28.62 -13.87
N PRO A 144 5.49 29.56 -14.31
CA PRO A 144 5.85 30.67 -13.42
C PRO A 144 4.62 31.52 -13.00
N THR A 145 3.50 31.34 -13.70
CA THR A 145 2.28 32.07 -13.39
C THR A 145 1.79 31.62 -12.03
N GLY A 146 2.20 30.41 -11.64
CA GLY A 146 1.80 29.89 -10.34
C GLY A 146 0.53 29.08 -10.43
N GLY A 147 -0.12 29.11 -11.59
CA GLY A 147 -1.37 28.38 -11.74
C GLY A 147 -1.35 27.36 -12.85
N PRO A 148 -2.47 26.67 -13.09
CA PRO A 148 -2.58 25.64 -14.13
C PRO A 148 -2.01 26.12 -15.46
N ALA A 149 -1.18 25.28 -16.08
CA ALA A 149 -0.56 25.64 -17.35
C ALA A 149 -1.57 25.84 -18.48
N ASN A 150 -1.34 26.83 -19.31
CA ASN A 150 -2.23 27.10 -20.43
C ASN A 150 -2.12 26.01 -21.50
N ALA A 151 -2.90 26.13 -22.56
CA ALA A 151 -2.91 25.14 -23.63
C ALA A 151 -1.60 25.02 -24.40
N ARG A 152 -0.92 26.14 -24.64
CA ARG A 152 0.35 26.11 -25.35
C ARG A 152 1.37 25.23 -24.65
N ILE A 153 1.66 25.54 -23.39
CA ILE A 153 2.61 24.79 -22.60
C ILE A 153 2.19 23.34 -22.49
N THR A 154 0.93 23.14 -22.17
CA THR A 154 0.39 21.80 -22.00
C THR A 154 0.55 20.96 -23.27
N ARG A 155 0.31 21.57 -24.43
CA ARG A 155 0.43 20.88 -25.70
C ARG A 155 1.90 20.53 -25.99
N ALA A 156 2.79 21.41 -25.59
CA ALA A 156 4.21 21.17 -25.81
C ALA A 156 4.64 19.99 -24.95
N ILE A 157 4.22 19.98 -23.69
CA ILE A 157 4.58 18.90 -22.79
C ILE A 157 4.09 17.55 -23.29
N GLU A 158 2.88 17.53 -23.84
CA GLU A 158 2.31 16.29 -24.34
C GLU A 158 3.12 15.66 -25.49
N GLU A 159 3.43 16.45 -26.52
CA GLU A 159 4.16 15.90 -27.66
C GLU A 159 5.54 15.36 -27.27
N ARG A 160 6.33 16.19 -26.58
CA ARG A 160 7.66 15.78 -26.15
C ARG A 160 7.60 14.52 -25.30
N ALA A 161 6.60 14.42 -24.42
CA ALA A 161 6.46 13.26 -23.56
C ALA A 161 6.13 12.00 -24.35
N ASN A 162 5.27 12.13 -25.36
CA ASN A 162 4.92 10.97 -26.16
C ASN A 162 6.06 10.62 -27.12
N ALA A 163 6.85 11.61 -27.50
CA ALA A 163 7.98 11.34 -28.39
C ALA A 163 8.92 10.41 -27.61
N LEU A 164 9.24 10.81 -26.39
CA LEU A 164 10.13 10.00 -25.55
C LEU A 164 9.56 8.60 -25.40
N LEU A 165 8.30 8.49 -25.02
CA LEU A 165 7.67 7.18 -24.85
C LEU A 165 7.82 6.34 -26.11
N GLN A 166 7.56 6.94 -27.27
CA GLN A 166 7.67 6.21 -28.52
C GLN A 166 9.10 5.72 -28.76
N GLU A 167 10.09 6.47 -28.26
CA GLU A 167 11.47 6.05 -28.46
C GLU A 167 11.99 5.32 -27.21
N GLY A 168 11.10 4.58 -26.57
CA GLY A 168 11.44 3.79 -25.41
C GLY A 168 12.04 4.49 -24.21
N LEU A 169 11.96 5.82 -24.17
CA LEU A 169 12.51 6.59 -23.06
C LEU A 169 14.03 6.63 -23.07
N LYS A 170 14.62 6.38 -24.24
CA LYS A 170 16.07 6.39 -24.38
C LYS A 170 16.63 7.74 -23.98
N GLY A 171 15.82 8.79 -24.12
CA GLY A 171 16.27 10.13 -23.78
C GLY A 171 15.94 10.56 -22.37
N VAL A 172 15.65 9.61 -21.50
CA VAL A 172 15.31 9.93 -20.11
C VAL A 172 16.49 9.69 -19.18
N LYS A 173 16.99 10.74 -18.56
CA LYS A 173 18.09 10.62 -17.62
C LYS A 173 17.53 10.85 -16.23
N ARG A 174 18.10 10.16 -15.24
CA ARG A 174 17.62 10.30 -13.86
C ARG A 174 18.71 9.90 -12.89
N LEU A 175 18.37 9.95 -11.60
CA LEU A 175 19.30 9.61 -10.54
C LEU A 175 18.64 8.59 -9.63
N PRO A 176 19.44 7.86 -8.85
CA PRO A 176 18.77 6.90 -7.97
C PRO A 176 18.06 7.77 -6.92
N LEU A 177 16.86 7.36 -6.51
CA LEU A 177 16.13 8.16 -5.53
C LEU A 177 17.03 8.74 -4.45
N ARG A 178 17.78 7.86 -3.78
CA ARG A 178 18.68 8.29 -2.71
C ARG A 178 19.52 9.50 -3.05
N GLU A 179 20.15 9.48 -4.22
CA GLU A 179 20.99 10.60 -4.63
C GLU A 179 20.15 11.84 -4.86
N ALA A 180 19.04 11.68 -5.58
CA ALA A 180 18.15 12.80 -5.86
C ALA A 180 17.63 13.36 -4.54
N LEU A 181 17.38 12.45 -3.59
CA LEU A 181 16.86 12.85 -2.29
C LEU A 181 17.84 13.73 -1.53
N ALA A 182 19.14 13.44 -1.66
CA ALA A 182 20.16 14.22 -0.97
C ALA A 182 20.28 15.62 -1.54
N ARG A 183 19.99 15.75 -2.84
CA ARG A 183 20.07 17.04 -3.51
C ARG A 183 18.83 17.89 -3.27
N ALA A 184 17.75 17.26 -2.85
CA ALA A 184 16.48 17.95 -2.60
C ALA A 184 16.54 18.98 -1.48
N LYS A 185 16.06 20.18 -1.75
CA LYS A 185 16.05 21.26 -0.77
C LYS A 185 14.68 21.32 -0.08
N PRO A 186 14.63 20.98 1.22
CA PRO A 186 13.34 21.03 1.91
C PRO A 186 12.79 22.46 1.98
N PHE A 187 11.47 22.58 1.84
CA PHE A 187 10.79 23.88 1.86
C PHE A 187 9.56 23.80 2.76
N ASP A 188 9.37 24.82 3.57
CA ASP A 188 8.24 24.84 4.48
C ASP A 188 7.04 25.55 3.86
N TYR A 189 6.31 24.80 3.02
CA TYR A 189 5.12 25.31 2.33
C TYR A 189 4.10 25.95 3.27
N ALA A 190 3.59 25.16 4.22
CA ALA A 190 2.61 25.63 5.18
C ALA A 190 3.09 26.88 5.89
N GLY A 191 4.39 26.92 6.20
CA GLY A 191 4.94 28.07 6.88
C GLY A 191 4.73 29.36 6.09
N LEU A 192 4.96 29.31 4.79
CA LEU A 192 4.81 30.50 3.99
C LEU A 192 3.33 30.83 3.83
N TYR A 193 2.50 29.80 3.84
CA TYR A 193 1.06 29.99 3.68
C TYR A 193 0.44 30.62 4.92
N VAL A 194 0.83 30.14 6.10
CA VAL A 194 0.30 30.66 7.35
C VAL A 194 0.58 32.15 7.53
N GLU A 195 1.70 32.61 7.02
CA GLU A 195 2.06 34.02 7.15
C GLU A 195 1.40 34.94 6.14
N LYS A 196 1.33 34.48 4.90
CA LYS A 196 0.77 35.28 3.83
C LYS A 196 -0.75 35.28 3.70
N VAL A 197 -1.42 34.24 4.19
CA VAL A 197 -2.88 34.19 4.06
C VAL A 197 -3.52 35.34 4.81
N ALA A 198 -2.87 35.81 5.89
CA ALA A 198 -3.39 36.92 6.67
C ALA A 198 -3.44 38.19 5.83
N GLU A 199 -2.97 38.09 4.59
CA GLU A 199 -2.96 39.20 3.65
C GLU A 199 -4.12 39.08 2.67
N ALA A 200 -4.89 38.00 2.82
CA ALA A 200 -6.00 37.74 1.92
C ALA A 200 -7.31 37.60 2.67
N VAL A 201 -7.23 37.25 3.94
CA VAL A 201 -8.44 37.13 4.73
C VAL A 201 -8.19 37.75 6.11
N ASP A 202 -9.25 38.27 6.70
CA ASP A 202 -9.20 38.91 8.02
C ASP A 202 -9.21 37.86 9.13
N LEU A 203 -8.04 37.32 9.44
CA LEU A 203 -7.95 36.29 10.47
C LEU A 203 -8.32 36.80 11.87
N GLU A 204 -8.06 38.06 12.15
CA GLU A 204 -8.42 38.59 13.46
C GLU A 204 -9.94 38.50 13.66
N ALA A 205 -10.70 38.79 12.61
CA ALA A 205 -12.15 38.73 12.69
C ALA A 205 -12.60 37.34 13.08
N ILE A 206 -11.97 36.33 12.49
CA ILE A 206 -12.31 34.95 12.78
C ILE A 206 -11.94 34.60 14.21
N ARG A 207 -10.75 35.03 14.62
CA ARG A 207 -10.24 34.74 15.95
C ARG A 207 -11.17 35.25 17.06
N ALA A 208 -11.77 36.41 16.83
CA ALA A 208 -12.67 36.99 17.82
C ALA A 208 -14.12 36.61 17.62
N SER A 209 -14.45 36.03 16.47
CA SER A 209 -15.81 35.64 16.12
C SER A 209 -16.59 34.90 17.19
N GLY A 210 -15.89 34.16 18.04
CA GLY A 210 -16.55 33.39 19.07
C GLY A 210 -17.16 32.15 18.44
N LEU A 211 -16.96 31.98 17.15
CA LEU A 211 -17.49 30.83 16.42
C LEU A 211 -16.68 29.55 16.70
N ARG A 212 -17.30 28.40 16.48
CA ARG A 212 -16.63 27.12 16.65
C ARG A 212 -16.60 26.48 15.27
N ILE A 213 -15.45 26.57 14.58
CA ILE A 213 -15.32 26.01 13.24
C ILE A 213 -14.71 24.62 13.24
N GLY A 214 -15.21 23.77 12.34
CA GLY A 214 -14.69 22.43 12.23
C GLY A 214 -14.01 22.27 10.88
N VAL A 215 -12.87 21.58 10.85
CA VAL A 215 -12.17 21.36 9.58
C VAL A 215 -11.84 19.90 9.40
N ASP A 216 -12.28 19.35 8.27
CA ASP A 216 -12.03 17.94 7.99
C ASP A 216 -11.17 17.78 6.76
N PRO A 217 -9.85 17.64 6.94
CA PRO A 217 -8.95 17.50 5.79
C PRO A 217 -9.32 16.27 4.95
N LEU A 218 -10.19 15.43 5.49
CA LEU A 218 -10.63 14.22 4.81
C LEU A 218 -9.47 13.32 4.35
N GLY A 219 -8.49 13.14 5.23
CA GLY A 219 -7.35 12.30 4.90
C GLY A 219 -6.53 12.89 3.77
N GLY A 220 -6.78 14.17 3.46
CA GLY A 220 -6.07 14.83 2.39
C GLY A 220 -4.76 15.45 2.83
N ALA A 221 -4.11 16.16 1.92
CA ALA A 221 -2.84 16.80 2.18
C ALA A 221 -2.89 18.09 2.98
N SER A 222 -4.10 18.60 3.23
CA SER A 222 -4.27 19.86 3.94
C SER A 222 -4.20 19.75 5.46
N LEU A 223 -4.06 18.52 5.95
CA LEU A 223 -3.98 18.30 7.40
C LEU A 223 -3.01 19.23 8.12
N ARG A 224 -1.78 19.32 7.63
CA ARG A 224 -0.79 20.16 8.28
C ARG A 224 -1.08 21.64 8.28
N VAL A 225 -1.39 22.19 7.12
CA VAL A 225 -1.66 23.61 7.03
C VAL A 225 -2.79 24.05 7.98
N TRP A 226 -3.85 23.26 8.06
CA TRP A 226 -4.97 23.59 8.92
C TRP A 226 -4.56 23.63 10.39
N GLU A 227 -3.91 22.57 10.87
CA GLU A 227 -3.50 22.54 12.25
C GLU A 227 -2.57 23.70 12.57
N ARG A 228 -1.75 24.06 11.59
CA ARG A 228 -0.81 25.15 11.81
C ARG A 228 -1.49 26.51 11.72
N LEU A 229 -2.62 26.59 11.02
CA LEU A 229 -3.34 27.85 10.91
C LEU A 229 -4.01 28.14 12.25
N ALA A 230 -4.69 27.13 12.79
CA ALA A 230 -5.36 27.29 14.06
C ALA A 230 -4.34 27.69 15.13
N GLU A 231 -3.19 27.04 15.11
CA GLU A 231 -2.14 27.28 16.07
C GLU A 231 -1.50 28.67 16.02
N SER A 232 -1.06 29.07 14.82
CA SER A 232 -0.39 30.35 14.65
C SER A 232 -1.27 31.59 14.60
N HIS A 233 -2.57 31.42 14.76
CA HIS A 233 -3.46 32.59 14.71
C HIS A 233 -4.55 32.55 15.79
N GLY A 234 -4.55 31.52 16.62
CA GLY A 234 -5.55 31.40 17.66
C GLY A 234 -6.94 31.14 17.11
N LEU A 235 -7.00 30.73 15.84
CA LEU A 235 -8.27 30.44 15.19
C LEU A 235 -9.02 29.28 15.85
N PRO A 236 -10.33 29.43 16.06
CA PRO A 236 -11.16 28.40 16.69
C PRO A 236 -11.45 27.25 15.73
N LEU A 237 -10.39 26.69 15.14
CA LEU A 237 -10.49 25.60 14.20
C LEU A 237 -10.15 24.26 14.85
N GLU A 238 -11.04 23.29 14.71
CA GLU A 238 -10.81 21.96 15.25
C GLU A 238 -10.68 21.04 14.04
N VAL A 239 -9.47 20.52 13.83
CA VAL A 239 -9.26 19.62 12.71
C VAL A 239 -9.68 18.22 13.14
N VAL A 240 -10.36 17.50 12.26
CA VAL A 240 -10.81 16.15 12.56
C VAL A 240 -10.45 15.17 11.45
N LEU A 272 -18.11 14.05 1.29
CA LEU A 272 -18.15 15.00 2.41
C LEU A 272 -19.05 14.47 3.52
N LEU A 273 -18.43 13.72 4.42
CA LEU A 273 -19.13 13.11 5.56
C LEU A 273 -18.99 14.00 6.80
N ALA A 274 -18.67 15.25 6.54
CA ALA A 274 -18.52 16.25 7.60
C ALA A 274 -19.87 16.42 8.29
N LEU A 275 -20.75 15.49 7.92
CA LEU A 275 -22.12 15.42 8.42
C LEU A 275 -22.15 15.10 9.93
N LYS A 276 -21.47 15.94 10.68
CA LYS A 276 -21.37 15.80 12.14
C LYS A 276 -21.03 17.15 12.77
N ASP A 277 -22.33 17.85 12.56
CA ASP A 277 -22.71 19.30 12.83
C ASP A 277 -22.83 19.68 14.30
N ARG A 278 -21.70 19.83 14.88
CA ARG A 278 -21.58 20.22 16.28
C ARG A 278 -20.60 21.37 16.31
N PHE A 279 -20.66 22.10 15.20
CA PHE A 279 -19.85 23.29 14.93
C PHE A 279 -20.77 24.37 14.36
N ASP A 280 -20.41 25.58 14.32
CA ASP A 280 -21.26 26.58 13.69
C ASP A 280 -21.02 26.50 12.19
N LEU A 281 -19.81 26.08 11.82
CA LEU A 281 -19.42 25.97 10.42
C LEU A 281 -18.33 24.92 10.31
N ALA A 282 -18.43 24.05 9.29
CA ALA A 282 -17.45 22.98 9.08
C ALA A 282 -16.89 23.04 7.66
N ILE A 283 -15.63 22.66 7.50
CA ILE A 283 -15.00 22.71 6.19
C ILE A 283 -14.41 21.40 5.76
N GLY A 284 -14.55 21.13 4.46
CA GLY A 284 -14.01 19.93 3.88
C GLY A 284 -13.12 20.31 2.71
N ASN A 285 -12.09 19.51 2.45
CA ASN A 285 -11.19 19.77 1.34
C ASN A 285 -10.92 18.43 0.69
N ASP A 286 -10.62 18.44 -0.61
CA ASP A 286 -10.33 17.22 -1.33
C ASP A 286 -8.87 16.85 -1.09
N PRO A 287 -8.39 15.73 -1.67
CA PRO A 287 -6.99 15.35 -1.44
C PRO A 287 -5.94 16.45 -1.63
N ASP A 288 -5.95 17.13 -2.78
CA ASP A 288 -4.95 18.17 -3.02
C ASP A 288 -5.38 19.57 -2.52
N ALA A 289 -6.53 19.62 -1.84
CA ALA A 289 -7.07 20.85 -1.27
C ALA A 289 -7.32 22.04 -2.19
N ASP A 290 -7.66 21.79 -3.45
CA ASP A 290 -7.95 22.89 -4.35
C ASP A 290 -9.46 23.07 -4.41
N ARG A 291 -10.19 22.15 -3.77
CA ARG A 291 -11.65 22.19 -3.74
C ARG A 291 -12.13 22.31 -2.30
N HIS A 292 -13.28 22.94 -2.11
CA HIS A 292 -13.82 23.10 -0.76
C HIS A 292 -15.27 22.61 -0.64
N GLY A 293 -15.66 22.31 0.59
CA GLY A 293 -17.01 21.87 0.86
C GLY A 293 -17.39 22.60 2.13
N ILE A 294 -18.52 23.32 2.10
CA ILE A 294 -18.98 24.08 3.27
C ILE A 294 -20.14 23.37 3.94
N VAL A 295 -20.08 23.28 5.27
CA VAL A 295 -21.13 22.62 6.05
C VAL A 295 -21.65 23.49 7.21
N THR A 296 -22.97 23.58 7.31
CA THR A 296 -23.65 24.35 8.36
C THR A 296 -24.69 23.45 8.99
N PRO A 297 -25.28 23.89 10.11
CA PRO A 297 -26.29 23.02 10.73
C PRO A 297 -27.39 22.63 9.71
N ARG A 298 -27.58 23.46 8.69
CA ARG A 298 -28.59 23.18 7.68
C ARG A 298 -28.13 22.14 6.66
N GLY A 299 -26.86 21.77 6.71
CA GLY A 299 -26.37 20.77 5.77
C GLY A 299 -25.15 21.19 4.97
N LEU A 300 -24.93 20.52 3.85
CA LEU A 300 -23.80 20.79 2.98
C LEU A 300 -24.21 21.75 1.86
N MET A 301 -23.62 22.95 1.85
CA MET A 301 -23.95 23.94 0.83
C MET A 301 -23.61 23.53 -0.59
N ASN A 302 -24.55 23.74 -1.51
CA ASN A 302 -24.34 23.42 -2.92
C ASN A 302 -23.17 24.32 -3.32
N PRO A 303 -22.15 23.75 -3.99
CA PRO A 303 -21.00 24.56 -4.41
C PRO A 303 -21.37 25.90 -5.04
N ASN A 304 -22.19 25.86 -6.10
CA ASN A 304 -22.60 27.09 -6.78
C ASN A 304 -23.19 28.11 -5.79
N HIS A 305 -24.03 27.65 -4.87
CA HIS A 305 -24.62 28.55 -3.88
C HIS A 305 -23.55 29.25 -3.06
N TYR A 306 -22.61 28.47 -2.52
CA TYR A 306 -21.55 29.07 -1.72
C TYR A 306 -20.81 30.14 -2.50
N LEU A 307 -20.43 29.85 -3.73
CA LEU A 307 -19.71 30.83 -4.55
C LEU A 307 -20.47 32.15 -4.61
N ALA A 308 -21.79 32.07 -4.64
CA ALA A 308 -22.62 33.26 -4.72
C ALA A 308 -22.42 34.12 -3.47
N ALA A 309 -22.54 33.48 -2.31
CA ALA A 309 -22.38 34.15 -1.03
C ALA A 309 -20.99 34.75 -0.91
N ALA A 310 -19.98 33.93 -1.19
CA ALA A 310 -18.59 34.37 -1.12
C ALA A 310 -18.37 35.62 -1.95
N LEU A 311 -18.79 35.55 -3.21
CA LEU A 311 -18.64 36.65 -4.14
C LEU A 311 -19.22 37.95 -3.60
N HIS A 312 -20.41 37.87 -3.01
CA HIS A 312 -21.06 39.05 -2.47
C HIS A 312 -20.26 39.61 -1.31
N HIS A 313 -19.95 38.75 -0.34
CA HIS A 313 -19.18 39.18 0.82
C HIS A 313 -17.85 39.77 0.41
N LEU A 314 -17.24 39.20 -0.63
CA LEU A 314 -15.94 39.66 -1.11
C LEU A 314 -15.97 41.06 -1.70
N TYR A 315 -16.96 41.34 -2.55
CA TYR A 315 -17.05 42.64 -3.17
C TYR A 315 -17.69 43.73 -2.30
N THR A 316 -18.38 43.32 -1.23
CA THR A 316 -18.98 44.29 -0.33
C THR A 316 -17.98 44.48 0.81
N THR A 317 -16.76 43.99 0.62
CA THR A 317 -15.78 44.07 1.68
C THR A 317 -14.37 44.41 1.24
N ARG A 318 -14.00 44.06 0.00
CA ARG A 318 -12.68 44.37 -0.50
C ARG A 318 -12.81 45.55 -1.44
N SER A 319 -11.70 46.24 -1.68
CA SER A 319 -11.67 47.39 -2.57
C SER A 319 -10.82 47.00 -3.76
N TRP A 320 -11.43 46.36 -4.76
CA TRP A 320 -10.67 45.92 -5.92
C TRP A 320 -10.97 46.74 -7.15
N PRO A 321 -10.43 47.96 -7.22
CA PRO A 321 -10.63 48.89 -8.34
C PRO A 321 -10.50 48.22 -9.72
N GLY A 322 -11.62 48.13 -10.44
CA GLY A 322 -11.61 47.55 -11.77
C GLY A 322 -11.42 46.05 -11.91
N ALA A 323 -11.48 45.31 -10.80
CA ALA A 323 -11.31 43.86 -10.85
C ALA A 323 -12.62 43.16 -11.20
N LYS A 324 -12.68 42.58 -12.39
CA LYS A 324 -13.88 41.88 -12.85
C LYS A 324 -14.13 40.57 -12.11
N VAL A 325 -15.27 39.96 -12.37
CA VAL A 325 -15.67 38.70 -11.74
C VAL A 325 -15.46 37.58 -12.73
N GLY A 326 -14.62 36.61 -12.37
CA GLY A 326 -14.33 35.50 -13.26
C GLY A 326 -15.16 34.24 -12.98
N LYS A 327 -15.73 33.68 -14.04
CA LYS A 327 -16.55 32.48 -13.91
C LYS A 327 -16.53 31.75 -15.23
N THR A 328 -16.85 30.46 -15.20
CA THR A 328 -16.87 29.67 -16.43
C THR A 328 -18.29 29.68 -17.01
N ALA A 329 -18.38 29.48 -18.31
CA ALA A 329 -19.66 29.48 -19.02
C ALA A 329 -20.69 28.54 -18.43
N VAL A 330 -20.23 27.62 -17.59
CA VAL A 330 -21.11 26.65 -16.98
C VAL A 330 -21.39 26.92 -15.50
N THR A 331 -20.74 27.92 -14.96
CA THR A 331 -20.94 28.31 -13.56
C THR A 331 -22.29 29.05 -13.44
N SER A 332 -22.93 28.95 -12.28
CA SER A 332 -24.23 29.58 -12.06
C SER A 332 -24.37 31.06 -12.43
N ALA A 333 -25.55 31.42 -12.96
CA ALA A 333 -25.79 32.81 -13.36
C ALA A 333 -26.12 33.67 -12.16
N LEU A 334 -26.35 33.05 -11.01
CA LEU A 334 -26.65 33.86 -9.83
C LEU A 334 -25.45 34.77 -9.65
N LEU A 335 -24.27 34.24 -9.95
CA LEU A 335 -23.05 35.02 -9.84
C LEU A 335 -23.12 36.24 -10.75
N ASP A 336 -23.70 36.10 -11.93
CA ASP A 336 -23.81 37.24 -12.84
C ASP A 336 -24.70 38.27 -12.18
N ARG A 337 -25.83 37.82 -11.66
CA ARG A 337 -26.76 38.71 -11.00
C ARG A 337 -26.11 39.39 -9.81
N VAL A 338 -25.39 38.65 -8.99
CA VAL A 338 -24.72 39.21 -7.83
C VAL A 338 -23.73 40.29 -8.28
N ALA A 339 -22.97 40.02 -9.33
CA ALA A 339 -22.02 41.00 -9.83
C ALA A 339 -22.74 42.22 -10.38
N GLN A 340 -23.89 42.00 -11.01
CA GLN A 340 -24.66 43.11 -11.56
C GLN A 340 -25.15 44.01 -10.44
N ALA A 341 -25.65 43.39 -9.38
CA ALA A 341 -26.16 44.12 -8.22
C ALA A 341 -25.09 45.00 -7.59
N LEU A 342 -23.83 44.62 -7.76
CA LEU A 342 -22.73 45.38 -7.17
C LEU A 342 -22.02 46.23 -8.21
N GLY A 343 -22.63 46.35 -9.38
CA GLY A 343 -22.03 47.14 -10.44
C GLY A 343 -20.68 46.62 -10.90
N ARG A 344 -20.53 45.29 -10.94
CA ARG A 344 -19.28 44.69 -11.37
C ARG A 344 -19.47 43.90 -12.65
N GLU A 345 -18.48 43.96 -13.53
CA GLU A 345 -18.53 43.23 -14.79
C GLU A 345 -18.15 41.77 -14.57
N VAL A 346 -18.75 40.90 -15.38
CA VAL A 346 -18.48 39.48 -15.35
C VAL A 346 -17.54 39.16 -16.52
N TYR A 347 -16.66 38.19 -16.29
CA TYR A 347 -15.70 37.76 -17.30
C TYR A 347 -15.85 36.24 -17.41
N GLU A 348 -16.73 35.81 -18.30
CA GLU A 348 -17.03 34.38 -18.52
C GLU A 348 -16.01 33.75 -19.44
N THR A 349 -15.62 32.52 -19.13
CA THR A 349 -14.62 31.82 -19.93
C THR A 349 -15.01 30.37 -20.14
N PRO A 350 -14.17 29.61 -20.87
CA PRO A 350 -14.47 28.19 -21.11
C PRO A 350 -14.20 27.46 -19.81
N VAL A 351 -14.55 26.18 -19.74
CA VAL A 351 -14.28 25.42 -18.53
C VAL A 351 -12.75 25.39 -18.38
N GLY A 352 -12.27 25.15 -17.17
CA GLY A 352 -10.83 25.11 -16.94
C GLY A 352 -10.31 26.34 -16.24
N PHE A 353 -9.89 26.18 -14.99
CA PHE A 353 -9.39 27.28 -14.18
C PHE A 353 -8.24 28.06 -14.81
N LYS A 354 -7.51 27.41 -15.72
CA LYS A 354 -6.39 28.06 -16.37
C LYS A 354 -6.78 29.38 -17.04
N HIS A 355 -8.05 29.50 -17.41
CA HIS A 355 -8.49 30.72 -18.08
C HIS A 355 -8.49 31.94 -17.15
N PHE A 356 -8.42 31.70 -15.84
CA PHE A 356 -8.42 32.78 -14.87
C PHE A 356 -7.03 33.19 -14.38
N VAL A 357 -6.04 32.34 -14.63
CA VAL A 357 -4.68 32.61 -14.16
C VAL A 357 -4.20 34.01 -14.48
N ALA A 358 -4.10 34.35 -15.76
CA ALA A 358 -3.63 35.68 -16.15
C ALA A 358 -4.38 36.79 -15.39
N GLY A 359 -5.70 36.75 -15.41
CA GLY A 359 -6.49 37.76 -14.72
C GLY A 359 -6.16 37.89 -13.25
N LEU A 360 -6.01 36.77 -12.56
CA LEU A 360 -5.69 36.83 -11.15
C LEU A 360 -4.28 37.39 -11.02
N LEU A 361 -3.38 36.90 -11.87
CA LEU A 361 -1.98 37.33 -11.82
C LEU A 361 -1.83 38.83 -12.02
N GLU A 362 -2.48 39.36 -13.05
CA GLU A 362 -2.38 40.78 -13.39
C GLU A 362 -3.36 41.70 -12.66
N GLY A 363 -4.16 41.15 -11.76
CA GLY A 363 -5.08 41.98 -11.00
C GLY A 363 -6.45 42.39 -11.53
N TRP A 364 -6.74 42.17 -12.81
CA TRP A 364 -8.04 42.60 -13.31
C TRP A 364 -9.27 41.73 -13.00
N LEU A 365 -9.09 40.70 -12.19
CA LEU A 365 -10.23 39.90 -11.75
C LEU A 365 -9.95 39.50 -10.31
N GLY A 366 -10.79 40.00 -9.40
CA GLY A 366 -10.59 39.75 -7.99
C GLY A 366 -11.07 38.42 -7.49
N PHE A 367 -11.99 37.82 -8.23
CA PHE A 367 -12.55 36.53 -7.86
C PHE A 367 -12.66 35.66 -9.09
N ALA A 368 -12.32 34.38 -8.95
CA ALA A 368 -12.41 33.43 -10.04
C ALA A 368 -13.02 32.17 -9.46
N GLY A 369 -14.24 31.85 -9.91
CA GLY A 369 -14.92 30.68 -9.40
C GLY A 369 -15.34 29.70 -10.48
N GLU A 370 -15.62 28.47 -10.07
CA GLU A 370 -16.01 27.41 -11.00
C GLU A 370 -17.05 26.52 -10.30
N GLU A 371 -18.03 26.03 -11.07
CA GLU A 371 -19.08 25.19 -10.51
C GLU A 371 -18.61 23.92 -9.79
N SER A 372 -17.43 23.43 -10.14
CA SER A 372 -16.91 22.21 -9.52
C SER A 372 -16.31 22.44 -8.12
N ALA A 373 -16.81 23.45 -7.42
CA ALA A 373 -16.33 23.75 -6.08
C ALA A 373 -14.86 24.19 -6.01
N GLY A 374 -14.44 25.01 -6.97
CA GLY A 374 -13.07 25.50 -6.98
C GLY A 374 -12.99 26.99 -7.25
N ALA A 375 -12.33 27.74 -6.39
CA ALA A 375 -12.21 29.18 -6.55
C ALA A 375 -10.99 29.78 -5.87
N SER A 376 -10.76 31.06 -6.10
CA SER A 376 -9.65 31.79 -5.50
C SER A 376 -9.97 33.26 -5.67
N PHE A 377 -9.29 34.12 -4.92
CA PHE A 377 -9.50 35.56 -5.04
C PHE A 377 -8.24 36.30 -4.67
N LEU A 378 -8.21 37.59 -4.98
CA LEU A 378 -7.07 38.45 -4.72
C LEU A 378 -6.84 38.80 -3.26
N ARG A 379 -5.65 39.30 -2.98
CA ARG A 379 -5.28 39.74 -1.64
C ARG A 379 -5.94 41.10 -1.44
N PHE A 380 -6.12 41.49 -0.18
CA PHE A 380 -6.75 42.78 0.09
C PHE A 380 -6.23 43.90 -0.78
N ASP A 381 -4.91 43.94 -1.00
CA ASP A 381 -4.33 45.00 -1.79
C ASP A 381 -4.35 44.87 -3.31
N GLY A 382 -5.06 43.87 -3.83
CA GLY A 382 -5.13 43.72 -5.28
C GLY A 382 -4.07 42.82 -5.89
N ARG A 383 -3.16 42.28 -5.08
CA ARG A 383 -2.14 41.38 -5.57
C ARG A 383 -2.63 39.93 -5.50
N PRO A 384 -2.11 39.05 -6.37
CA PRO A 384 -2.51 37.65 -6.37
C PRO A 384 -2.13 36.97 -5.06
N PHE A 385 -2.91 35.99 -4.62
CA PHE A 385 -2.56 35.26 -3.43
C PHE A 385 -2.20 33.88 -3.97
N SER A 386 -3.18 33.28 -4.61
CA SER A 386 -3.03 31.96 -5.23
C SER A 386 -3.67 32.03 -6.61
N THR A 387 -2.91 31.70 -7.65
CA THR A 387 -3.43 31.73 -9.00
C THR A 387 -4.07 30.42 -9.41
N ASP A 388 -4.22 29.51 -8.45
CA ASP A 388 -4.85 28.21 -8.69
C ASP A 388 -5.97 28.10 -7.65
N LYS A 389 -6.87 27.13 -7.82
CA LYS A 389 -7.96 26.93 -6.86
C LYS A 389 -7.40 26.73 -5.46
N ASP A 390 -8.02 27.38 -4.47
CA ASP A 390 -7.56 27.28 -3.09
C ASP A 390 -8.71 26.92 -2.16
N GLY A 391 -8.83 25.64 -1.85
CA GLY A 391 -9.90 25.18 -0.97
C GLY A 391 -9.70 25.59 0.46
N ILE A 392 -8.48 26.02 0.78
CA ILE A 392 -8.14 26.45 2.14
C ILE A 392 -8.56 27.91 2.26
N LEU A 393 -8.28 28.67 1.22
CA LEU A 393 -8.64 30.08 1.21
C LEU A 393 -10.16 30.16 1.32
N MET A 394 -10.87 29.55 0.37
CA MET A 394 -12.32 29.56 0.36
C MET A 394 -12.89 29.12 1.70
N GLY A 395 -12.25 28.12 2.31
CA GLY A 395 -12.73 27.63 3.59
C GLY A 395 -12.58 28.68 4.68
N LEU A 396 -11.44 29.36 4.69
CA LEU A 396 -11.20 30.40 5.69
C LEU A 396 -12.17 31.56 5.43
N LEU A 397 -12.38 31.87 4.15
CA LEU A 397 -13.29 32.94 3.79
C LEU A 397 -14.70 32.68 4.32
N ALA A 398 -15.14 31.42 4.29
CA ALA A 398 -16.48 31.12 4.78
C ALA A 398 -16.61 31.51 6.24
N ALA A 399 -15.53 31.41 7.00
CA ALA A 399 -15.57 31.76 8.41
C ALA A 399 -15.48 33.27 8.56
N GLU A 400 -14.65 33.90 7.76
CA GLU A 400 -14.53 35.34 7.83
C GLU A 400 -15.92 35.92 7.55
N LEU A 401 -16.57 35.40 6.51
CA LEU A 401 -17.91 35.82 6.11
C LEU A 401 -18.91 35.77 7.27
N MET A 402 -18.93 34.66 8.00
CA MET A 402 -19.87 34.48 9.10
C MET A 402 -19.47 35.35 10.29
N ALA A 403 -18.19 35.68 10.37
CA ALA A 403 -17.69 36.50 11.46
C ALA A 403 -18.04 37.97 11.25
N LYS A 404 -17.71 38.48 10.07
CA LYS A 404 -17.97 39.88 9.74
C LYS A 404 -19.43 40.24 9.46
N ARG A 405 -20.21 39.29 8.94
CA ARG A 405 -21.61 39.55 8.61
C ARG A 405 -22.62 39.13 9.69
N GLY A 406 -22.20 38.36 10.67
CA GLY A 406 -23.14 37.92 11.68
C GLY A 406 -24.19 36.97 11.11
N GLN A 407 -23.93 36.44 9.92
CA GLN A 407 -24.84 35.51 9.29
C GLN A 407 -24.08 34.41 8.54
N ALA A 408 -24.59 33.18 8.62
CA ALA A 408 -23.99 32.03 7.96
C ALA A 408 -23.95 32.19 6.45
N PRO A 409 -23.01 31.50 5.78
CA PRO A 409 -22.89 31.59 4.32
C PRO A 409 -24.20 31.18 3.63
N ASP A 410 -24.86 30.17 4.18
CA ASP A 410 -26.10 29.70 3.57
C ASP A 410 -27.26 30.65 3.79
N ALA A 411 -27.23 31.40 4.90
CA ALA A 411 -28.29 32.36 5.17
C ALA A 411 -28.09 33.56 4.23
N LEU A 412 -26.84 33.79 3.82
CA LEU A 412 -26.56 34.91 2.90
C LEU A 412 -27.01 34.51 1.52
N TYR A 413 -26.75 33.26 1.15
CA TYR A 413 -27.16 32.76 -0.16
C TYR A 413 -28.68 32.87 -0.26
N GLU A 414 -29.36 32.56 0.83
CA GLU A 414 -30.83 32.62 0.88
C GLU A 414 -31.30 34.04 0.58
N ALA A 415 -30.63 35.02 1.17
CA ALA A 415 -31.00 36.41 0.96
C ALA A 415 -30.73 36.85 -0.48
N LEU A 416 -29.61 36.39 -1.04
CA LEU A 416 -29.31 36.78 -2.42
C LEU A 416 -30.32 36.14 -3.38
N ALA A 417 -30.71 34.90 -3.10
CA ALA A 417 -31.66 34.19 -3.95
C ALA A 417 -33.03 34.88 -3.93
N GLU A 418 -33.45 35.36 -2.76
CA GLU A 418 -34.73 36.04 -2.65
C GLU A 418 -34.75 37.36 -3.40
N LYS A 419 -33.65 38.11 -3.29
CA LYS A 419 -33.55 39.41 -3.91
C LYS A 419 -33.24 39.44 -5.40
N LEU A 420 -32.33 38.58 -5.85
CA LEU A 420 -31.93 38.56 -7.25
C LEU A 420 -32.47 37.41 -8.07
N GLY A 421 -33.02 36.40 -7.41
CA GLY A 421 -33.57 35.25 -8.12
C GLY A 421 -32.93 33.96 -7.63
N ARG A 422 -33.74 32.93 -7.41
CA ARG A 422 -33.25 31.63 -6.92
C ARG A 422 -32.95 30.64 -8.07
N PRO A 423 -31.69 30.20 -8.19
CA PRO A 423 -31.28 29.26 -9.25
C PRO A 423 -31.59 27.79 -9.00
N TYR A 424 -31.83 27.06 -10.08
CA TYR A 424 -32.12 25.63 -10.04
C TYR A 424 -31.20 25.07 -11.10
N TYR A 425 -30.21 24.28 -10.66
CA TYR A 425 -29.20 23.73 -11.55
C TYR A 425 -29.28 22.23 -11.76
N ALA A 426 -29.12 21.80 -13.00
CA ALA A 426 -29.16 20.39 -13.33
C ALA A 426 -27.96 20.03 -14.20
N ARG A 427 -27.40 18.87 -13.95
CA ARG A 427 -26.26 18.37 -14.72
C ARG A 427 -26.75 17.05 -15.32
N LYS A 428 -26.31 16.73 -16.53
CA LYS A 428 -26.77 15.49 -17.15
C LYS A 428 -25.85 15.00 -18.26
N ASP A 429 -25.40 13.76 -18.17
CA ASP A 429 -24.53 13.20 -19.18
C ASP A 429 -25.31 12.32 -20.16
N LEU A 430 -25.19 12.61 -21.44
CA LEU A 430 -25.88 11.84 -22.46
C LEU A 430 -24.86 10.98 -23.19
N PRO A 431 -24.92 9.65 -23.01
CA PRO A 431 -23.97 8.79 -23.70
C PRO A 431 -24.26 8.89 -25.18
N VAL A 432 -23.23 8.88 -26.01
CA VAL A 432 -23.45 8.96 -27.45
C VAL A 432 -22.61 7.93 -28.19
N SER A 433 -23.16 7.44 -29.29
CA SER A 433 -22.47 6.46 -30.11
C SER A 433 -21.13 7.07 -30.49
N PRO A 434 -20.12 6.23 -30.75
CA PRO A 434 -18.81 6.77 -31.13
C PRO A 434 -18.90 7.71 -32.33
N GLU A 435 -19.92 7.51 -33.16
CA GLU A 435 -20.12 8.34 -34.36
C GLU A 435 -20.64 9.75 -34.01
N ALA A 436 -21.58 9.83 -33.07
CA ALA A 436 -22.12 11.13 -32.67
C ALA A 436 -21.08 11.93 -31.92
N LYS A 437 -20.18 11.25 -31.22
CA LYS A 437 -19.13 11.91 -30.46
C LYS A 437 -18.26 12.74 -31.39
N ALA A 438 -18.13 12.28 -32.63
CA ALA A 438 -17.33 12.97 -33.64
C ALA A 438 -18.13 14.12 -34.25
N ARG A 439 -19.45 13.94 -34.37
CA ARG A 439 -20.29 15.00 -34.93
C ARG A 439 -20.41 16.11 -33.88
N LEU A 440 -20.45 15.69 -32.61
CA LEU A 440 -20.54 16.64 -31.51
C LEU A 440 -19.34 17.58 -31.57
N ALA A 441 -18.16 17.03 -31.81
CA ALA A 441 -16.94 17.81 -31.90
C ALA A 441 -16.94 18.78 -33.09
N ARG A 442 -17.96 18.70 -33.94
CA ARG A 442 -18.06 19.57 -35.11
C ARG A 442 -19.28 20.47 -34.96
N LEU A 443 -20.02 20.25 -33.89
CA LEU A 443 -21.22 21.01 -33.61
C LEU A 443 -20.88 22.48 -33.35
N SER A 444 -21.68 23.39 -33.91
CA SER A 444 -21.47 24.83 -33.69
C SER A 444 -22.80 25.53 -33.41
N ALA A 445 -22.74 26.85 -33.22
CA ALA A 445 -23.94 27.64 -32.96
C ALA A 445 -25.02 27.46 -34.03
N LYS A 446 -24.61 27.31 -35.28
CA LYS A 446 -25.55 27.13 -36.39
C LYS A 446 -26.50 25.94 -36.22
N GLU A 447 -25.97 24.82 -35.74
CA GLU A 447 -26.78 23.62 -35.57
C GLU A 447 -27.71 23.62 -34.37
N VAL A 448 -27.41 24.43 -33.36
CA VAL A 448 -28.24 24.49 -32.16
C VAL A 448 -28.76 25.91 -31.97
N HIS A 449 -29.82 26.26 -32.69
CA HIS A 449 -30.36 27.61 -32.59
C HIS A 449 -31.89 27.68 -32.52
N PRO A 450 -32.48 27.38 -31.35
CA PRO A 450 -33.94 27.45 -31.23
C PRO A 450 -34.32 28.93 -31.11
N SER A 451 -35.61 29.25 -31.23
CA SER A 451 -36.05 30.64 -31.14
C SER A 451 -36.52 30.92 -29.71
N THR A 452 -36.91 29.87 -29.01
CA THR A 452 -37.35 29.99 -27.64
C THR A 452 -36.79 28.84 -26.82
N LEU A 453 -36.73 29.02 -25.50
CA LEU A 453 -36.24 28.01 -24.59
C LEU A 453 -37.22 27.96 -23.42
N ALA A 454 -37.88 26.82 -23.27
CA ALA A 454 -38.85 26.66 -22.20
C ALA A 454 -39.77 27.87 -22.12
N GLY A 455 -40.38 28.19 -23.27
CA GLY A 455 -41.32 29.30 -23.37
C GLY A 455 -40.80 30.71 -23.20
N GLU A 456 -39.50 30.90 -23.40
CA GLU A 456 -38.88 32.20 -23.22
C GLU A 456 -38.02 32.48 -24.46
N PRO A 457 -37.97 33.75 -24.91
CA PRO A 457 -37.19 34.14 -26.09
C PRO A 457 -35.68 33.94 -25.89
N VAL A 458 -35.04 33.25 -26.84
CA VAL A 458 -33.61 32.99 -26.79
C VAL A 458 -32.85 34.27 -27.12
N LEU A 459 -32.12 34.77 -26.13
CA LEU A 459 -31.34 36.00 -26.28
C LEU A 459 -30.08 35.81 -27.10
N GLN A 460 -29.40 34.70 -26.89
CA GLN A 460 -28.18 34.45 -27.65
C GLN A 460 -27.76 32.97 -27.63
N VAL A 461 -27.10 32.55 -28.70
CA VAL A 461 -26.62 31.19 -28.81
C VAL A 461 -25.13 31.35 -29.02
N LEU A 462 -24.34 30.77 -28.12
CA LEU A 462 -22.89 30.91 -28.19
C LEU A 462 -22.09 29.62 -28.33
N ASP A 463 -20.93 29.76 -28.95
CA ASP A 463 -19.99 28.65 -29.07
C ASP A 463 -18.62 29.27 -28.86
N ARG A 464 -18.63 30.45 -28.22
CA ARG A 464 -17.43 31.22 -27.88
C ARG A 464 -17.68 31.81 -26.49
N ALA A 465 -16.62 32.11 -25.75
CA ALA A 465 -16.76 32.68 -24.40
C ALA A 465 -16.81 34.21 -24.49
N THR A 466 -17.82 34.80 -23.84
CA THR A 466 -18.02 36.24 -23.87
C THR A 466 -16.87 37.04 -23.25
N GLY A 467 -16.12 36.40 -22.35
CA GLY A 467 -15.01 37.07 -21.70
C GLY A 467 -13.84 37.26 -22.65
N ASN A 468 -13.04 36.21 -22.85
CA ASN A 468 -11.88 36.29 -23.73
C ASN A 468 -12.22 36.18 -25.22
N GLY A 469 -13.27 35.42 -25.55
CA GLY A 469 -13.66 35.28 -26.95
C GLY A 469 -13.12 34.01 -27.57
N GLU A 470 -12.59 33.12 -26.72
CA GLU A 470 -12.05 31.85 -27.16
C GLU A 470 -13.18 30.84 -27.28
N PRO A 471 -13.06 29.89 -28.23
CA PRO A 471 -14.11 28.90 -28.38
C PRO A 471 -14.30 28.18 -27.06
N LEU A 472 -15.55 27.97 -26.64
CA LEU A 472 -15.78 27.28 -25.38
C LEU A 472 -15.97 25.79 -25.56
N GLY A 473 -15.71 25.29 -26.77
CA GLY A 473 -15.86 23.87 -27.04
C GLY A 473 -17.22 23.42 -26.57
N GLY A 474 -18.23 23.61 -27.41
CA GLY A 474 -19.59 23.25 -27.05
C GLY A 474 -20.44 24.46 -27.37
N ILE A 475 -21.71 24.43 -27.01
CA ILE A 475 -22.57 25.57 -27.29
C ILE A 475 -23.38 25.92 -26.05
N LYS A 476 -23.75 27.18 -25.95
CA LYS A 476 -24.54 27.64 -24.81
C LYS A 476 -25.74 28.44 -25.31
N VAL A 477 -26.92 28.09 -24.82
CA VAL A 477 -28.15 28.80 -25.21
C VAL A 477 -28.61 29.62 -24.01
N VAL A 478 -28.79 30.92 -24.22
CA VAL A 478 -29.13 31.84 -23.15
C VAL A 478 -30.47 32.57 -23.26
N ALA A 479 -31.30 32.42 -22.24
CA ALA A 479 -32.60 33.08 -22.17
C ALA A 479 -32.51 34.04 -20.97
N ALA A 480 -33.58 34.80 -20.70
CA ALA A 480 -33.55 35.76 -19.62
C ALA A 480 -33.49 35.15 -18.22
N ASN A 481 -34.14 34.01 -18.04
CA ASN A 481 -34.19 33.35 -16.74
C ASN A 481 -33.69 31.91 -16.73
N ALA A 482 -33.06 31.51 -17.82
CA ALA A 482 -32.53 30.16 -17.91
C ALA A 482 -31.53 30.09 -19.03
N TRP A 483 -30.74 29.03 -19.03
CA TRP A 483 -29.73 28.80 -20.05
C TRP A 483 -29.31 27.35 -19.91
N PHE A 484 -28.67 26.85 -20.95
CA PHE A 484 -28.17 25.49 -20.91
C PHE A 484 -26.96 25.43 -21.83
N ALA A 485 -25.99 24.62 -21.44
CA ALA A 485 -24.78 24.44 -22.23
C ALA A 485 -24.55 22.94 -22.47
N VAL A 486 -23.93 22.62 -23.61
CA VAL A 486 -23.64 21.24 -23.97
C VAL A 486 -22.21 21.14 -24.46
N ARG A 487 -21.40 20.29 -23.83
CA ARG A 487 -20.01 20.13 -24.28
C ARG A 487 -19.54 18.70 -24.19
N PRO A 488 -18.64 18.31 -25.10
CA PRO A 488 -18.06 16.97 -25.18
C PRO A 488 -17.17 16.63 -24.00
N SER A 489 -17.36 15.44 -23.43
CA SER A 489 -16.49 15.02 -22.34
C SER A 489 -15.17 14.76 -23.04
N GLY A 490 -14.06 15.04 -22.37
CA GLY A 490 -12.78 14.80 -23.00
C GLY A 490 -12.34 13.35 -22.85
N THR A 491 -12.85 12.70 -21.80
CA THR A 491 -12.50 11.32 -21.47
C THR A 491 -13.35 10.21 -22.11
N GLU A 492 -14.67 10.39 -22.18
CA GLU A 492 -15.51 9.36 -22.79
C GLU A 492 -16.58 9.90 -23.74
N ASP A 493 -17.18 8.99 -24.50
CA ASP A 493 -18.22 9.35 -25.46
C ASP A 493 -19.47 9.83 -24.74
N VAL A 494 -19.39 11.05 -24.24
CA VAL A 494 -20.49 11.65 -23.52
C VAL A 494 -20.63 13.11 -23.91
N ALA A 495 -21.85 13.60 -23.92
CA ALA A 495 -22.11 15.00 -24.21
C ALA A 495 -22.60 15.48 -22.85
N LYS A 496 -21.89 16.44 -22.27
CA LYS A 496 -22.29 16.96 -20.95
C LYS A 496 -23.29 18.10 -21.13
N VAL A 497 -24.41 18.01 -20.42
CA VAL A 497 -25.45 19.02 -20.49
C VAL A 497 -25.57 19.73 -19.15
N TYR A 498 -25.52 21.06 -19.19
CA TYR A 498 -25.65 21.86 -17.97
C TYR A 498 -26.86 22.75 -18.24
N ALA A 499 -27.77 22.82 -17.27
CA ALA A 499 -28.96 23.63 -17.42
C ALA A 499 -29.28 24.31 -16.11
N GLU A 500 -29.73 25.56 -16.17
CA GLU A 500 -30.08 26.30 -14.98
C GLU A 500 -31.28 27.19 -15.28
N SER A 501 -32.17 27.32 -14.30
CA SER A 501 -33.36 28.14 -14.47
C SER A 501 -33.69 28.86 -13.18
N PHE A 502 -34.21 30.08 -13.29
CA PHE A 502 -34.59 30.86 -12.12
C PHE A 502 -36.11 30.86 -11.95
N LEU A 503 -36.75 29.88 -12.58
CA LEU A 503 -38.20 29.74 -12.54
C LEU A 503 -38.67 28.52 -11.78
N GLY A 504 -37.74 27.77 -11.20
CA GLY A 504 -38.13 26.58 -10.44
C GLY A 504 -37.88 25.21 -11.04
N GLU A 505 -38.24 24.18 -10.29
CA GLU A 505 -38.06 22.79 -10.68
C GLU A 505 -38.68 22.43 -12.02
N ALA A 506 -40.00 22.55 -12.11
CA ALA A 506 -40.72 22.21 -13.32
C ALA A 506 -40.13 22.85 -14.55
N HIS A 507 -39.69 24.11 -14.42
CA HIS A 507 -39.13 24.81 -15.57
C HIS A 507 -37.76 24.27 -15.95
N LEU A 508 -37.01 23.82 -14.95
CA LEU A 508 -35.68 23.27 -15.21
C LEU A 508 -35.88 22.04 -16.08
N GLU A 509 -36.85 21.21 -15.71
CA GLU A 509 -37.16 20.00 -16.45
C GLU A 509 -37.46 20.30 -17.91
N ARG A 510 -38.04 21.47 -18.18
CA ARG A 510 -38.33 21.83 -19.56
C ARG A 510 -37.05 22.25 -20.24
N VAL A 511 -36.14 22.88 -19.49
CA VAL A 511 -34.87 23.30 -20.07
C VAL A 511 -34.04 22.06 -20.43
N LEU A 512 -33.92 21.11 -19.49
CA LEU A 512 -33.17 19.89 -19.78
C LEU A 512 -33.73 19.21 -21.03
N GLU A 513 -35.00 18.82 -20.95
CA GLU A 513 -35.66 18.16 -22.07
C GLU A 513 -35.41 18.82 -23.43
N GLU A 514 -35.80 20.08 -23.58
CA GLU A 514 -35.60 20.74 -24.86
C GLU A 514 -34.13 20.63 -25.22
N ALA A 515 -33.28 20.68 -24.20
CA ALA A 515 -31.85 20.60 -24.40
C ALA A 515 -31.44 19.24 -24.95
N THR A 516 -31.82 18.17 -24.26
CA THR A 516 -31.41 16.86 -24.75
C THR A 516 -32.08 16.61 -26.10
N ALA A 517 -33.32 17.03 -26.25
CA ALA A 517 -34.02 16.85 -27.52
C ALA A 517 -33.24 17.55 -28.62
N LEU A 518 -32.83 18.80 -28.35
CA LEU A 518 -32.06 19.57 -29.33
C LEU A 518 -30.74 18.90 -29.65
N LEU A 519 -30.09 18.34 -28.62
CA LEU A 519 -28.79 17.69 -28.79
C LEU A 519 -28.89 16.47 -29.70
N HIS A 520 -29.85 15.60 -29.42
CA HIS A 520 -30.04 14.41 -30.23
C HIS A 520 -30.32 14.75 -31.69
N LYS A 521 -31.20 15.71 -31.91
CA LYS A 521 -31.53 16.10 -33.28
C LYS A 521 -30.30 16.56 -34.05
N ALA A 522 -29.49 17.42 -33.43
CA ALA A 522 -28.29 17.92 -34.09
C ALA A 522 -27.27 16.80 -34.35
N LEU A 523 -27.27 15.79 -33.48
CA LEU A 523 -26.34 14.67 -33.62
C LEU A 523 -26.94 13.46 -34.33
N ALA A 524 -28.15 13.59 -34.85
CA ALA A 524 -28.80 12.49 -35.55
C ALA A 524 -28.01 12.12 -36.82
N MET B 1 2.12 7.26 4.26
CA MET B 1 3.41 6.94 3.58
C MET B 1 4.10 5.76 4.26
N GLU B 2 3.33 4.74 4.62
CA GLU B 2 3.95 3.58 5.25
C GLU B 2 3.99 2.45 4.25
N ILE B 3 2.83 1.96 3.85
CA ILE B 3 2.78 0.88 2.89
C ILE B 3 3.20 1.37 1.51
N THR B 4 2.67 2.52 1.09
CA THR B 4 3.01 3.04 -0.22
C THR B 4 4.49 3.37 -0.30
N ARG B 5 5.05 3.81 0.82
CA ARG B 5 6.48 4.13 0.85
C ARG B 5 7.24 2.80 0.78
N LEU B 6 6.72 1.80 1.48
CA LEU B 6 7.31 0.47 1.55
C LEU B 6 7.44 -0.15 0.16
N LEU B 7 6.41 -0.07 -0.67
CA LEU B 7 6.49 -0.64 -2.01
C LEU B 7 7.29 0.23 -2.95
N THR B 8 7.27 1.54 -2.72
CA THR B 8 8.03 2.44 -3.58
C THR B 8 9.51 2.18 -3.35
N LEU B 9 9.87 1.90 -2.10
CA LEU B 9 11.28 1.64 -1.81
C LEU B 9 11.74 0.31 -2.40
N TYR B 10 10.85 -0.68 -2.44
CA TYR B 10 11.21 -1.98 -3.01
C TYR B 10 11.81 -1.75 -4.41
N TYR B 11 11.15 -0.90 -5.18
CA TYR B 11 11.59 -0.57 -6.53
C TYR B 11 12.61 0.56 -6.58
N GLU B 12 12.46 1.55 -5.71
CA GLU B 12 13.35 2.70 -5.74
C GLU B 12 14.68 2.52 -5.00
N ALA B 13 14.71 1.63 -4.02
CA ALA B 13 15.93 1.39 -3.25
C ALA B 13 16.74 0.20 -3.76
N THR B 14 18.07 0.31 -3.70
CA THR B 14 18.97 -0.77 -4.13
C THR B 14 20.07 -0.93 -3.11
N PRO B 15 20.50 -2.18 -2.85
CA PRO B 15 21.55 -2.46 -1.89
C PRO B 15 22.89 -1.88 -2.29
N ASP B 16 23.68 -1.47 -1.30
CA ASP B 16 25.00 -0.92 -1.55
C ASP B 16 25.92 -2.07 -2.00
N PRO B 17 26.42 -2.02 -3.23
CA PRO B 17 27.29 -3.11 -3.69
C PRO B 17 28.45 -3.41 -2.73
N GLN B 18 29.03 -2.36 -2.16
CA GLN B 18 30.16 -2.53 -1.25
C GLN B 18 29.80 -2.93 0.18
N ASN B 19 28.51 -2.96 0.51
CA ASN B 19 28.11 -3.33 1.86
C ASN B 19 27.63 -4.78 1.95
N PRO B 20 28.49 -5.68 2.40
CA PRO B 20 28.15 -7.10 2.53
C PRO B 20 26.84 -7.34 3.28
N LEU B 21 26.50 -6.41 4.17
CA LEU B 21 25.29 -6.54 4.98
C LEU B 21 23.99 -6.26 4.25
N GLU B 22 24.07 -5.68 3.06
CA GLU B 22 22.85 -5.39 2.31
C GLU B 22 22.66 -6.34 1.15
N GLY B 23 23.60 -7.27 0.99
CA GLY B 23 23.51 -8.23 -0.11
C GLY B 23 22.60 -9.40 0.21
N VAL B 24 22.61 -10.39 -0.68
CA VAL B 24 21.78 -11.58 -0.49
C VAL B 24 22.35 -12.45 0.62
N ARG B 25 21.58 -12.63 1.68
CA ARG B 25 22.00 -13.44 2.80
C ARG B 25 21.00 -14.57 2.89
N PHE B 26 21.14 -15.53 1.99
CA PHE B 26 20.26 -16.68 1.92
C PHE B 26 20.60 -17.71 3.01
N GLY B 27 19.77 -17.74 4.05
CA GLY B 27 20.01 -18.68 5.13
C GLY B 27 18.93 -19.75 5.29
N THR B 28 18.78 -20.23 6.52
CA THR B 28 17.80 -21.26 6.85
C THR B 28 16.37 -20.87 6.46
N SER B 29 16.06 -19.57 6.54
CA SER B 29 14.72 -19.10 6.20
C SER B 29 14.69 -18.33 4.90
N GLY B 30 15.65 -18.60 4.01
CA GLY B 30 15.71 -17.90 2.75
C GLY B 30 16.30 -16.52 2.97
N HIS B 31 16.08 -15.60 2.02
CA HIS B 31 16.60 -14.25 2.17
C HIS B 31 15.50 -13.34 2.68
N ARG B 32 15.83 -12.52 3.66
CA ARG B 32 14.85 -11.62 4.25
C ARG B 32 15.41 -10.25 4.54
N GLY B 33 14.52 -9.28 4.62
CA GLY B 33 14.90 -7.90 4.89
C GLY B 33 13.73 -6.98 4.66
N SER B 34 14.00 -5.72 4.34
CA SER B 34 12.95 -4.74 4.10
C SER B 34 13.49 -3.66 3.18
N SER B 35 12.63 -3.06 2.38
CA SER B 35 13.09 -1.99 1.48
C SER B 35 13.43 -0.76 2.32
N LEU B 36 12.79 -0.63 3.48
CA LEU B 36 13.07 0.50 4.35
C LEU B 36 14.55 0.50 4.74
N LYS B 37 15.16 -0.69 4.75
CA LYS B 37 16.57 -0.86 5.09
C LYS B 37 17.36 -1.17 3.82
N ALA B 38 16.67 -1.24 2.69
CA ALA B 38 17.30 -1.54 1.41
C ALA B 38 17.84 -2.97 1.42
N THR B 39 17.29 -3.80 2.30
CA THR B 39 17.74 -5.19 2.39
C THR B 39 16.84 -6.16 1.64
N PHE B 40 15.72 -5.66 1.12
CA PHE B 40 14.80 -6.49 0.36
C PHE B 40 14.20 -5.61 -0.73
N THR B 41 14.89 -5.54 -1.86
CA THR B 41 14.45 -4.71 -2.97
C THR B 41 14.29 -5.53 -4.25
N GLU B 42 13.82 -4.88 -5.31
CA GLU B 42 13.63 -5.54 -6.60
C GLU B 42 14.98 -6.13 -7.01
N ALA B 43 16.06 -5.44 -6.64
CA ALA B 43 17.41 -5.88 -6.96
C ALA B 43 17.66 -7.27 -6.41
N HIS B 44 17.28 -7.47 -5.16
CA HIS B 44 17.48 -8.76 -4.52
C HIS B 44 16.66 -9.87 -5.13
N VAL B 45 15.42 -9.59 -5.49
CA VAL B 45 14.57 -10.61 -6.06
C VAL B 45 15.00 -10.98 -7.48
N LEU B 46 15.48 -10.00 -8.23
CA LEU B 46 15.94 -10.26 -9.58
C LEU B 46 17.17 -11.17 -9.56
N ALA B 47 18.06 -10.92 -8.60
CA ALA B 47 19.28 -11.72 -8.51
C ALA B 47 19.02 -13.13 -8.02
N ILE B 48 18.23 -13.26 -6.97
CA ILE B 48 17.94 -14.58 -6.44
C ILE B 48 17.18 -15.44 -7.45
N ALA B 49 16.18 -14.84 -8.10
CA ALA B 49 15.38 -15.57 -9.07
C ALA B 49 16.22 -15.98 -10.28
N GLN B 50 17.09 -15.08 -10.71
CA GLN B 50 17.97 -15.38 -11.84
C GLN B 50 18.84 -16.57 -11.44
N ALA B 51 19.47 -16.48 -10.27
CA ALA B 51 20.34 -17.53 -9.77
C ALA B 51 19.60 -18.87 -9.71
N ILE B 52 18.39 -18.87 -9.18
CA ILE B 52 17.63 -20.11 -9.09
C ILE B 52 17.32 -20.66 -10.47
N ALA B 53 17.03 -19.79 -11.42
CA ALA B 53 16.73 -20.24 -12.79
C ALA B 53 17.94 -20.92 -13.42
N GLU B 54 19.14 -20.45 -13.07
CA GLU B 54 20.38 -21.01 -13.61
C GLU B 54 20.83 -22.30 -12.93
N LEU B 55 20.72 -22.35 -11.60
CA LEU B 55 21.15 -23.50 -10.80
C LEU B 55 20.10 -24.59 -10.64
N ARG B 56 18.86 -24.25 -10.97
CA ARG B 56 17.71 -25.14 -10.90
C ARG B 56 18.03 -26.56 -11.42
N PRO B 57 18.59 -26.67 -12.65
CA PRO B 57 18.95 -27.97 -13.23
C PRO B 57 19.91 -28.76 -12.31
N SER B 58 20.99 -28.10 -11.90
CA SER B 58 21.98 -28.72 -11.04
C SER B 58 21.38 -29.19 -9.73
N PHE B 59 20.31 -28.53 -9.27
CA PHE B 59 19.66 -28.94 -8.02
C PHE B 59 18.77 -30.15 -8.30
N GLY B 60 18.65 -30.50 -9.58
CA GLY B 60 17.82 -31.63 -9.94
C GLY B 60 16.36 -31.33 -10.18
N ALA B 61 16.03 -30.08 -10.52
CA ALA B 61 14.65 -29.68 -10.80
C ALA B 61 14.51 -29.30 -12.28
N THR B 62 13.80 -30.11 -13.05
CA THR B 62 13.61 -29.86 -14.48
C THR B 62 12.12 -29.73 -14.85
N GLY B 63 11.26 -29.98 -13.88
CA GLY B 63 9.84 -29.89 -14.11
C GLY B 63 9.34 -28.49 -13.81
N PRO B 64 8.06 -28.35 -13.44
CA PRO B 64 7.50 -27.03 -13.14
C PRO B 64 8.04 -26.44 -11.85
N LEU B 65 7.86 -25.14 -11.69
CA LEU B 65 8.29 -24.43 -10.50
C LEU B 65 7.01 -23.87 -9.85
N PHE B 66 6.73 -24.33 -8.64
CA PHE B 66 5.55 -23.87 -7.92
C PHE B 66 5.78 -22.54 -7.21
N LEU B 67 5.20 -21.48 -7.75
CA LEU B 67 5.34 -20.13 -7.20
C LEU B 67 4.19 -19.80 -6.25
N ALA B 68 4.52 -19.14 -5.13
CA ALA B 68 3.53 -18.76 -4.15
C ALA B 68 3.93 -17.48 -3.45
N LYS B 69 3.00 -16.89 -2.72
CA LYS B 69 3.26 -15.66 -1.97
C LYS B 69 2.29 -15.57 -0.83
N ASP B 70 2.72 -14.96 0.26
CA ASP B 70 1.84 -14.82 1.40
C ASP B 70 1.21 -13.45 1.34
N THR B 71 0.60 -13.03 2.44
CA THR B 71 -0.06 -11.73 2.47
C THR B 71 0.83 -10.54 2.84
N HIS B 72 2.13 -10.75 2.97
CA HIS B 72 3.01 -9.63 3.29
C HIS B 72 3.06 -8.65 2.12
N ALA B 73 2.99 -7.37 2.43
CA ALA B 73 3.00 -6.33 1.40
C ALA B 73 4.08 -6.51 0.35
N LEU B 74 5.34 -6.59 0.79
CA LEU B 74 6.44 -6.73 -0.16
C LEU B 74 6.42 -8.02 -0.97
N SER B 75 5.63 -9.00 -0.55
CA SER B 75 5.56 -10.25 -1.29
C SER B 75 4.93 -9.99 -2.66
N GLU B 76 3.97 -9.06 -2.71
CA GLU B 76 3.30 -8.73 -3.96
C GLU B 76 4.29 -8.40 -5.06
N PRO B 77 5.11 -7.34 -4.86
CA PRO B 77 6.08 -6.99 -5.91
C PRO B 77 7.05 -8.15 -6.20
N ALA B 78 7.49 -8.84 -5.16
CA ALA B 78 8.44 -9.95 -5.29
C ALA B 78 7.92 -11.02 -6.24
N TRP B 79 6.68 -11.43 -6.01
CA TRP B 79 6.01 -12.43 -6.83
C TRP B 79 6.12 -12.03 -8.30
N ALA B 80 5.80 -10.76 -8.56
CA ALA B 80 5.85 -10.22 -9.92
C ALA B 80 7.26 -10.32 -10.50
N THR B 81 8.23 -9.93 -9.69
CA THR B 81 9.62 -9.95 -10.13
C THR B 81 10.10 -11.36 -10.44
N ALA B 82 9.87 -12.28 -9.51
CA ALA B 82 10.29 -13.67 -9.68
C ALA B 82 9.63 -14.29 -10.89
N LEU B 83 8.31 -14.18 -10.94
CA LEU B 83 7.56 -14.73 -12.06
C LEU B 83 8.12 -14.24 -13.38
N SER B 84 8.42 -12.95 -13.42
CA SER B 84 8.94 -12.35 -14.63
C SER B 84 10.23 -12.92 -15.15
N VAL B 85 11.17 -13.23 -14.25
CA VAL B 85 12.44 -13.77 -14.73
C VAL B 85 12.29 -15.26 -15.04
N PHE B 86 11.70 -16.02 -14.14
CA PHE B 86 11.51 -17.44 -14.39
C PHE B 86 10.87 -17.68 -15.76
N ALA B 87 9.75 -17.01 -16.01
CA ALA B 87 9.06 -17.17 -17.29
C ALA B 87 10.00 -16.87 -18.46
N ALA B 88 10.93 -15.95 -18.25
CA ALA B 88 11.89 -15.60 -19.30
C ALA B 88 12.88 -16.72 -19.53
N HIS B 89 12.94 -17.67 -18.60
CA HIS B 89 13.84 -18.82 -18.70
C HIS B 89 13.13 -20.07 -19.18
N GLY B 90 11.96 -19.89 -19.76
CA GLY B 90 11.19 -21.01 -20.28
C GLY B 90 10.69 -22.00 -19.24
N ILE B 91 10.95 -21.76 -17.96
CA ILE B 91 10.49 -22.72 -16.98
C ILE B 91 8.97 -22.58 -16.80
N GLU B 92 8.27 -23.70 -16.65
CA GLU B 92 6.82 -23.66 -16.47
C GLU B 92 6.49 -23.27 -15.03
N VAL B 93 6.01 -22.04 -14.85
CA VAL B 93 5.68 -21.56 -13.52
C VAL B 93 4.21 -21.80 -13.23
N ARG B 94 3.93 -22.31 -12.04
CA ARG B 94 2.54 -22.55 -11.65
C ARG B 94 2.12 -21.59 -10.55
N VAL B 95 1.08 -20.80 -10.82
CA VAL B 95 0.58 -19.81 -9.88
C VAL B 95 -0.80 -20.13 -9.29
N GLU B 96 -1.07 -19.53 -8.14
CA GLU B 96 -2.33 -19.74 -7.42
C GLU B 96 -3.57 -19.53 -8.29
N ALA B 97 -4.46 -20.52 -8.31
CA ALA B 97 -5.69 -20.45 -9.10
C ALA B 97 -6.86 -19.84 -8.32
N ASP B 98 -7.06 -20.28 -7.08
CA ASP B 98 -8.13 -19.74 -6.25
C ASP B 98 -7.56 -18.75 -5.25
N GLY B 99 -7.69 -17.47 -5.55
CA GLY B 99 -7.16 -16.46 -4.65
C GLY B 99 -5.77 -16.07 -5.14
N ASP B 100 -5.07 -15.25 -4.38
CA ASP B 100 -3.74 -14.82 -4.77
C ASP B 100 -2.67 -15.34 -3.82
N TYR B 101 -3.11 -15.89 -2.69
CA TYR B 101 -2.19 -16.38 -1.68
C TYR B 101 -2.15 -17.88 -1.50
N THR B 102 -0.95 -18.41 -1.26
CA THR B 102 -0.74 -19.83 -1.08
C THR B 102 0.12 -20.10 0.15
N PRO B 103 -0.45 -20.72 1.18
CA PRO B 103 0.35 -21.00 2.38
C PRO B 103 1.48 -21.96 2.07
N THR B 104 2.63 -21.75 2.71
CA THR B 104 3.83 -22.55 2.53
C THR B 104 3.65 -24.07 2.46
N PRO B 105 2.88 -24.66 3.38
CA PRO B 105 2.72 -26.11 3.30
C PRO B 105 2.01 -26.61 2.03
N LEU B 106 1.18 -25.77 1.41
CA LEU B 106 0.49 -26.23 0.20
C LEU B 106 1.47 -26.38 -0.95
N VAL B 107 2.50 -25.54 -0.98
CA VAL B 107 3.53 -25.63 -2.01
C VAL B 107 4.28 -26.94 -1.77
N SER B 108 4.64 -27.19 -0.51
CA SER B 108 5.36 -28.41 -0.13
C SER B 108 4.61 -29.63 -0.67
N LEU B 109 3.30 -29.66 -0.45
CA LEU B 109 2.45 -30.76 -0.89
C LEU B 109 2.45 -30.89 -2.40
N ALA B 110 2.31 -29.76 -3.10
CA ALA B 110 2.28 -29.77 -4.56
C ALA B 110 3.56 -30.36 -5.17
N ILE B 111 4.70 -30.06 -4.56
CA ILE B 111 5.98 -30.56 -5.06
C ILE B 111 6.07 -32.07 -4.84
N LEU B 112 5.77 -32.51 -3.61
CA LEU B 112 5.85 -33.93 -3.28
C LEU B 112 4.97 -34.79 -4.20
N GLU B 113 3.70 -34.44 -4.31
CA GLU B 113 2.77 -35.17 -5.16
C GLU B 113 3.27 -35.20 -6.58
N HIS B 114 3.89 -34.12 -7.03
CA HIS B 114 4.40 -34.06 -8.39
C HIS B 114 5.60 -34.96 -8.62
N ASN B 115 6.61 -34.86 -7.77
CA ASN B 115 7.81 -35.68 -7.94
C ASN B 115 7.55 -37.16 -7.64
N ALA B 116 6.45 -37.45 -6.98
CA ALA B 116 6.11 -38.84 -6.66
C ALA B 116 5.50 -39.52 -7.89
N HIS B 117 5.19 -38.74 -8.92
CA HIS B 117 4.61 -39.30 -10.13
C HIS B 117 5.21 -38.82 -11.45
N HIS B 118 6.10 -37.84 -11.39
CA HIS B 118 6.73 -37.36 -12.62
C HIS B 118 8.25 -37.47 -12.58
N GLU B 119 8.87 -37.52 -13.74
CA GLU B 119 10.32 -37.62 -13.83
C GLU B 119 10.96 -36.24 -13.76
N ALA B 120 10.40 -35.28 -14.48
CA ALA B 120 10.94 -33.93 -14.44
C ALA B 120 10.51 -33.31 -13.10
N LYS B 121 11.33 -33.51 -12.08
CA LYS B 121 11.05 -33.03 -10.74
C LYS B 121 10.76 -31.53 -10.65
N ALA B 122 9.90 -31.18 -9.71
CA ALA B 122 9.54 -29.78 -9.50
C ALA B 122 10.13 -29.21 -8.22
N ASP B 123 10.16 -27.88 -8.14
CA ASP B 123 10.64 -27.19 -6.96
C ASP B 123 9.65 -26.08 -6.68
N GLY B 124 9.93 -25.21 -5.72
CA GLY B 124 8.99 -24.14 -5.42
C GLY B 124 9.60 -22.88 -4.83
N VAL B 125 9.04 -21.74 -5.20
CA VAL B 125 9.52 -20.46 -4.69
C VAL B 125 8.43 -19.79 -3.88
N LEU B 126 8.72 -19.52 -2.60
CA LEU B 126 7.77 -18.87 -1.72
C LEU B 126 8.28 -17.52 -1.31
N LEU B 127 7.51 -16.48 -1.63
CA LEU B 127 7.88 -15.13 -1.27
C LEU B 127 7.17 -14.82 0.02
N THR B 128 7.88 -15.02 1.12
CA THR B 128 7.32 -14.77 2.43
C THR B 128 8.47 -14.57 3.40
N PRO B 129 8.33 -13.60 4.32
CA PRO B 129 9.38 -13.33 5.30
C PRO B 129 9.39 -14.27 6.51
N SER B 130 8.37 -15.12 6.62
CA SER B 130 8.30 -16.07 7.73
C SER B 130 7.12 -17.02 7.61
N PRO B 133 8.51 -11.55 10.50
CA PRO B 133 7.10 -11.29 10.15
C PRO B 133 6.54 -9.88 10.40
N PRO B 134 7.37 -8.91 10.80
CA PRO B 134 6.84 -7.56 11.04
C PRO B 134 6.23 -6.95 9.77
N GLU B 135 7.05 -6.36 9.01
CA GLU B 135 6.66 -5.85 7.70
C GLU B 135 7.85 -5.81 6.78
N ASP B 136 8.33 -6.98 6.47
CA ASP B 136 9.48 -7.18 5.62
C ASP B 136 9.21 -8.31 4.63
N GLY B 137 10.01 -8.28 3.57
CA GLY B 137 9.94 -9.26 2.47
C GLY B 137 10.78 -10.51 2.80
N GLY B 138 10.54 -11.54 2.01
CA GLY B 138 11.21 -12.83 2.14
C GLY B 138 11.19 -13.59 0.82
N PHE B 139 12.31 -14.27 0.58
CA PHE B 139 12.43 -15.13 -0.58
C PHE B 139 12.99 -16.49 -0.12
N LYS B 140 12.14 -17.50 -0.20
CA LYS B 140 12.47 -18.86 0.20
C LYS B 140 12.46 -19.81 -1.01
N TYR B 141 13.30 -20.84 -0.96
CA TYR B 141 13.39 -21.84 -2.01
C TYR B 141 13.21 -23.21 -1.39
N ASN B 142 12.43 -24.05 -2.05
CA ASN B 142 12.14 -25.41 -1.63
C ASN B 142 12.43 -26.31 -2.82
N PRO B 143 13.48 -27.15 -2.72
CA PRO B 143 13.89 -28.07 -3.79
C PRO B 143 12.93 -29.24 -3.99
N PRO B 144 13.28 -30.18 -4.88
CA PRO B 144 12.40 -31.34 -5.13
C PRO B 144 12.05 -32.12 -3.87
N THR B 145 12.72 -31.82 -2.77
CA THR B 145 12.44 -32.48 -1.49
C THR B 145 11.15 -31.91 -0.97
N GLY B 146 10.77 -30.75 -1.49
CA GLY B 146 9.55 -30.10 -1.07
C GLY B 146 9.66 -29.36 0.25
N GLY B 147 10.88 -29.07 0.67
CA GLY B 147 11.06 -28.39 1.94
C GLY B 147 12.19 -27.39 1.91
N PRO B 148 12.45 -26.71 3.04
CA PRO B 148 13.53 -25.73 3.11
C PRO B 148 14.78 -26.29 2.47
N ALA B 149 15.41 -25.50 1.62
CA ALA B 149 16.62 -25.94 0.93
C ALA B 149 17.76 -26.14 1.92
N ASN B 150 18.64 -27.09 1.66
CA ASN B 150 19.76 -27.32 2.56
C ASN B 150 20.85 -26.25 2.34
N ALA B 151 21.87 -26.25 3.20
CA ALA B 151 22.96 -25.28 3.12
C ALA B 151 23.79 -25.31 1.83
N ARG B 152 23.89 -26.48 1.19
CA ARG B 152 24.65 -26.52 -0.06
C ARG B 152 23.92 -25.71 -1.12
N ILE B 153 22.61 -25.95 -1.22
CA ILE B 153 21.78 -25.22 -2.17
C ILE B 153 21.66 -23.73 -1.84
N THR B 154 21.44 -23.38 -0.57
CA THR B 154 21.32 -21.96 -0.22
C THR B 154 22.65 -21.25 -0.48
N ARG B 155 23.75 -21.88 -0.07
CA ARG B 155 25.08 -21.31 -0.28
C ARG B 155 25.33 -21.03 -1.76
N ALA B 156 24.91 -21.96 -2.61
CA ALA B 156 25.10 -21.80 -4.04
C ALA B 156 24.21 -20.68 -4.58
N ILE B 157 22.99 -20.60 -4.07
CA ILE B 157 22.09 -19.54 -4.55
C ILE B 157 22.69 -18.19 -4.14
N GLU B 158 23.00 -18.06 -2.87
CA GLU B 158 23.58 -16.83 -2.35
C GLU B 158 24.78 -16.31 -3.16
N GLU B 159 25.78 -17.18 -3.41
CA GLU B 159 26.95 -16.75 -4.16
C GLU B 159 26.61 -16.19 -5.53
N ARG B 160 25.84 -16.95 -6.31
CA ARG B 160 25.45 -16.53 -7.65
C ARG B 160 24.65 -15.23 -7.60
N ALA B 161 23.73 -15.13 -6.64
CA ALA B 161 22.90 -13.93 -6.50
C ALA B 161 23.77 -12.71 -6.27
N ASN B 162 24.75 -12.83 -5.37
CA ASN B 162 25.63 -11.71 -5.10
C ASN B 162 26.55 -11.44 -6.27
N ALA B 163 26.88 -12.49 -7.00
CA ALA B 163 27.75 -12.30 -8.17
C ALA B 163 27.01 -11.44 -9.18
N LEU B 164 25.77 -11.84 -9.50
CA LEU B 164 24.95 -11.10 -10.45
C LEU B 164 24.78 -9.66 -9.97
N LEU B 165 24.44 -9.52 -8.69
CA LEU B 165 24.25 -8.22 -8.09
C LEU B 165 25.54 -7.42 -8.25
N GLN B 166 26.66 -8.05 -7.94
CA GLN B 166 27.95 -7.40 -8.01
C GLN B 166 28.27 -6.93 -9.43
N GLU B 167 27.80 -7.66 -10.45
CA GLU B 167 28.07 -7.22 -11.81
C GLU B 167 26.96 -6.31 -12.36
N GLY B 168 26.16 -5.76 -11.45
CA GLY B 168 25.11 -4.86 -11.84
C GLY B 168 23.84 -5.45 -12.43
N LEU B 169 23.67 -6.76 -12.28
CA LEU B 169 22.48 -7.43 -12.79
C LEU B 169 22.45 -7.53 -14.31
N LYS B 170 23.52 -7.13 -14.96
CA LYS B 170 23.57 -7.20 -16.42
C LYS B 170 23.34 -8.61 -16.92
N GLY B 171 23.40 -9.58 -16.01
CA GLY B 171 23.19 -10.97 -16.38
C GLY B 171 21.81 -11.50 -16.11
N VAL B 172 20.90 -10.65 -15.67
CA VAL B 172 19.53 -11.09 -15.38
C VAL B 172 18.59 -10.99 -16.59
N LYS B 173 17.86 -12.07 -16.86
CA LYS B 173 16.90 -12.09 -17.96
C LYS B 173 15.50 -11.95 -17.38
N ARG B 174 14.74 -11.04 -17.95
CA ARG B 174 13.39 -10.78 -17.47
C ARG B 174 12.41 -10.61 -18.63
N LEU B 175 11.13 -10.76 -18.31
CA LEU B 175 10.07 -10.61 -19.29
C LEU B 175 9.09 -9.61 -18.66
N PRO B 176 8.32 -8.87 -19.46
CA PRO B 176 7.38 -7.94 -18.82
C PRO B 176 6.26 -8.70 -18.12
N LEU B 177 5.90 -8.29 -16.91
CA LEU B 177 4.87 -8.98 -16.14
C LEU B 177 3.70 -9.49 -16.98
N ARG B 178 3.18 -8.63 -17.85
CA ARG B 178 2.04 -8.95 -18.70
C ARG B 178 2.26 -10.27 -19.45
N GLU B 179 3.44 -10.42 -20.04
CA GLU B 179 3.77 -11.64 -20.79
C GLU B 179 3.98 -12.81 -19.83
N ALA B 180 4.79 -12.62 -18.80
CA ALA B 180 5.04 -13.69 -17.86
C ALA B 180 3.71 -14.25 -17.38
N LEU B 181 2.81 -13.35 -17.03
CA LEU B 181 1.50 -13.74 -16.52
C LEU B 181 0.73 -14.59 -17.52
N ALA B 182 0.86 -14.25 -18.80
CA ALA B 182 0.17 -14.99 -19.86
C ALA B 182 0.82 -16.37 -20.00
N ARG B 183 2.03 -16.50 -19.49
CA ARG B 183 2.76 -17.77 -19.54
C ARG B 183 2.41 -18.65 -18.35
N ALA B 184 2.33 -18.05 -17.18
CA ALA B 184 2.02 -18.79 -15.94
C ALA B 184 0.89 -19.78 -16.13
N LYS B 185 0.93 -20.88 -15.38
CA LYS B 185 -0.11 -21.89 -15.44
C LYS B 185 -0.81 -21.96 -14.09
N PRO B 186 -2.10 -21.64 -14.05
CA PRO B 186 -2.83 -21.69 -12.78
C PRO B 186 -2.81 -23.08 -12.16
N PHE B 187 -2.64 -23.14 -10.85
CA PHE B 187 -2.62 -24.42 -10.15
C PHE B 187 -3.54 -24.37 -8.94
N ASP B 188 -4.32 -25.43 -8.72
CA ASP B 188 -5.23 -25.43 -7.60
C ASP B 188 -4.61 -26.03 -6.36
N TYR B 189 -3.75 -25.24 -5.72
CA TYR B 189 -3.07 -25.67 -4.50
C TYR B 189 -4.02 -26.22 -3.46
N ALA B 190 -4.96 -25.39 -3.03
CA ALA B 190 -5.93 -25.82 -2.01
C ALA B 190 -6.73 -27.04 -2.48
N GLY B 191 -7.05 -27.07 -3.77
CA GLY B 191 -7.79 -28.19 -4.29
C GLY B 191 -7.08 -29.48 -3.96
N LEU B 192 -5.77 -29.47 -4.18
CA LEU B 192 -4.96 -30.64 -3.91
C LEU B 192 -4.86 -30.87 -2.41
N TYR B 193 -4.81 -29.79 -1.64
CA TYR B 193 -4.70 -29.93 -0.19
C TYR B 193 -5.91 -30.61 0.45
N VAL B 194 -7.10 -30.04 0.22
CA VAL B 194 -8.32 -30.59 0.81
C VAL B 194 -8.48 -32.07 0.54
N GLU B 195 -8.04 -32.51 -0.63
CA GLU B 195 -8.14 -33.90 -1.01
C GLU B 195 -7.19 -34.85 -0.27
N LYS B 196 -5.90 -34.53 -0.32
CA LYS B 196 -4.87 -35.37 0.30
C LYS B 196 -4.74 -35.30 1.82
N VAL B 197 -4.98 -34.12 2.41
CA VAL B 197 -4.84 -33.99 3.86
C VAL B 197 -5.67 -35.04 4.60
N ALA B 198 -6.67 -35.58 3.89
CA ALA B 198 -7.53 -36.59 4.45
C ALA B 198 -6.73 -37.85 4.76
N GLU B 199 -5.56 -37.97 4.14
CA GLU B 199 -4.72 -39.13 4.36
C GLU B 199 -3.65 -38.90 5.42
N ALA B 200 -3.79 -37.82 6.19
CA ALA B 200 -2.85 -37.49 7.23
C ALA B 200 -3.62 -37.25 8.53
N VAL B 201 -4.84 -36.76 8.36
CA VAL B 201 -5.70 -36.48 9.51
C VAL B 201 -7.09 -37.10 9.33
N ASP B 202 -7.59 -37.71 10.41
CA ASP B 202 -8.90 -38.34 10.37
C ASP B 202 -10.02 -37.30 10.30
N LEU B 203 -10.29 -36.80 9.10
CA LEU B 203 -11.33 -35.79 8.92
C LEU B 203 -12.68 -36.32 9.40
N GLU B 204 -12.92 -37.60 9.17
CA GLU B 204 -14.16 -38.24 9.58
C GLU B 204 -14.39 -38.04 11.07
N ALA B 205 -13.40 -38.40 11.88
CA ALA B 205 -13.50 -38.28 13.32
C ALA B 205 -13.79 -36.87 13.79
N ILE B 206 -13.43 -35.88 12.97
CA ILE B 206 -13.65 -34.49 13.33
C ILE B 206 -15.05 -34.00 12.99
N ARG B 207 -15.56 -34.38 11.82
CA ARG B 207 -16.89 -33.94 11.41
C ARG B 207 -18.00 -34.55 12.25
N ALA B 208 -17.74 -35.70 12.85
CA ALA B 208 -18.73 -36.37 13.68
C ALA B 208 -18.44 -36.21 15.17
N SER B 209 -17.63 -35.19 15.50
CA SER B 209 -17.24 -34.94 16.88
C SER B 209 -18.22 -34.06 17.66
N GLY B 210 -19.15 -33.42 16.96
CA GLY B 210 -20.09 -32.56 17.66
C GLY B 210 -19.40 -31.31 18.20
N LEU B 211 -18.10 -31.20 17.94
CA LEU B 211 -17.32 -30.06 18.40
C LEU B 211 -17.55 -28.82 17.55
N ARG B 212 -17.28 -27.66 18.14
CA ARG B 212 -17.40 -26.40 17.42
C ARG B 212 -16.00 -25.81 17.38
N ILE B 213 -15.36 -25.93 16.23
CA ILE B 213 -14.00 -25.46 16.04
C ILE B 213 -13.91 -24.13 15.29
N GLY B 214 -13.14 -23.19 15.84
CA GLY B 214 -12.97 -21.91 15.20
C GLY B 214 -11.60 -21.79 14.55
N VAL B 215 -11.52 -21.10 13.41
CA VAL B 215 -10.25 -20.95 12.70
C VAL B 215 -10.06 -19.51 12.21
N ASP B 216 -9.07 -18.82 12.77
CA ASP B 216 -8.78 -17.44 12.39
C ASP B 216 -7.55 -17.36 11.50
N PRO B 217 -7.75 -17.14 10.19
CA PRO B 217 -6.62 -17.04 9.27
C PRO B 217 -5.70 -15.84 9.57
N LEU B 218 -6.09 -15.03 10.55
CA LEU B 218 -5.30 -13.86 10.94
C LEU B 218 -4.78 -13.05 9.76
N GLY B 219 -5.64 -12.81 8.78
CA GLY B 219 -5.24 -12.04 7.61
C GLY B 219 -4.20 -12.73 6.76
N GLY B 220 -3.83 -13.95 7.14
CA GLY B 220 -2.83 -14.69 6.40
C GLY B 220 -3.33 -15.26 5.08
N ALA B 221 -2.58 -16.21 4.52
CA ALA B 221 -2.91 -16.83 3.25
C ALA B 221 -3.73 -18.09 3.39
N SER B 222 -4.02 -18.51 4.61
CA SER B 222 -4.76 -19.75 4.81
C SER B 222 -6.27 -19.60 4.68
N LEU B 223 -6.74 -18.40 4.36
CA LEU B 223 -8.17 -18.16 4.23
C LEU B 223 -8.88 -19.16 3.31
N ARG B 224 -8.58 -19.11 2.02
CA ARG B 224 -9.22 -19.99 1.06
C ARG B 224 -9.18 -21.47 1.38
N VAL B 225 -8.03 -21.98 1.82
CA VAL B 225 -7.92 -23.39 2.12
C VAL B 225 -8.77 -23.81 3.32
N TRP B 226 -8.85 -22.96 4.33
CA TRP B 226 -9.65 -23.27 5.50
C TRP B 226 -11.12 -23.33 5.09
N GLU B 227 -11.58 -22.31 4.38
CA GLU B 227 -12.97 -22.28 3.95
C GLU B 227 -13.30 -23.51 3.11
N ARG B 228 -12.40 -23.88 2.22
CA ARG B 228 -12.62 -25.03 1.36
C ARG B 228 -12.50 -26.35 2.12
N LEU B 229 -11.73 -26.37 3.21
CA LEU B 229 -11.61 -27.60 3.99
C LEU B 229 -12.95 -27.79 4.71
N ALA B 230 -13.49 -26.68 5.22
CA ALA B 230 -14.75 -26.71 5.95
C ALA B 230 -15.93 -27.10 5.06
N GLU B 231 -16.05 -26.46 3.91
CA GLU B 231 -17.17 -26.71 3.00
C GLU B 231 -16.99 -27.92 2.08
N SER B 232 -15.90 -28.65 2.23
CA SER B 232 -15.68 -29.81 1.36
C SER B 232 -15.69 -31.14 2.12
N HIS B 233 -15.59 -31.05 3.44
CA HIS B 233 -15.61 -32.25 4.26
C HIS B 233 -16.68 -32.10 5.34
N GLY B 234 -17.45 -31.01 5.23
CA GLY B 234 -18.51 -30.73 6.19
C GLY B 234 -17.96 -30.62 7.59
N LEU B 235 -16.80 -29.99 7.73
CA LEU B 235 -16.16 -29.83 9.03
C LEU B 235 -16.80 -28.78 9.93
N PRO B 236 -17.03 -29.14 11.20
CA PRO B 236 -17.63 -28.25 12.20
C PRO B 236 -16.69 -27.11 12.55
N LEU B 237 -16.08 -26.49 11.56
CA LEU B 237 -15.16 -25.39 11.85
C LEU B 237 -15.62 -24.08 11.22
N GLU B 238 -15.65 -23.03 12.04
CA GLU B 238 -16.08 -21.73 11.59
C GLU B 238 -14.90 -20.83 11.21
N VAL B 239 -14.88 -20.41 9.95
CA VAL B 239 -13.82 -19.53 9.47
C VAL B 239 -14.19 -18.10 9.84
N VAL B 240 -13.57 -17.59 10.89
CA VAL B 240 -13.85 -16.24 11.33
C VAL B 240 -12.60 -15.37 11.25
N ASN B 241 -12.61 -14.46 10.28
CA ASN B 241 -11.49 -13.54 10.05
C ASN B 241 -11.48 -12.43 11.09
N MET B 269 2.17 -17.44 14.69
CA MET B 269 1.36 -18.24 15.62
C MET B 269 -0.10 -17.80 15.51
N ALA B 270 -0.71 -17.47 16.65
CA ALA B 270 -2.12 -17.04 16.69
C ALA B 270 -2.27 -15.87 17.67
N GLY B 271 -1.51 -14.82 17.44
CA GLY B 271 -1.56 -13.65 18.31
C GLY B 271 -2.93 -12.99 18.44
N LEU B 272 -3.46 -13.02 19.66
CA LEU B 272 -4.76 -12.43 19.99
C LEU B 272 -5.99 -13.09 19.39
N LEU B 273 -5.90 -14.40 19.11
CA LEU B 273 -7.04 -15.12 18.57
C LEU B 273 -7.95 -15.35 19.77
N ALA B 274 -7.37 -15.22 20.96
CA ALA B 274 -8.08 -15.41 22.22
C ALA B 274 -9.30 -14.49 22.29
N LEU B 275 -9.40 -13.60 21.31
CA LEU B 275 -10.52 -12.66 21.24
C LEU B 275 -11.79 -13.32 21.75
N LYS B 276 -12.10 -14.49 21.20
CA LYS B 276 -13.29 -15.20 21.62
C LYS B 276 -13.03 -16.67 21.91
N ASP B 277 -12.83 -16.98 23.19
CA ASP B 277 -12.57 -18.35 23.63
C ASP B 277 -13.90 -19.11 23.62
N ARG B 278 -14.84 -18.64 22.60
CA ARG B 278 -16.14 -19.32 22.66
C ARG B 278 -16.30 -20.26 21.46
N PHE B 279 -15.50 -21.26 21.56
CA PHE B 279 -15.38 -22.40 20.65
C PHE B 279 -14.82 -23.49 21.51
N ASP B 280 -14.93 -24.71 21.11
CA ASP B 280 -14.36 -25.77 21.93
C ASP B 280 -12.86 -25.78 21.70
N LEU B 281 -12.49 -25.19 20.58
CA LEU B 281 -11.11 -25.12 20.15
C LEU B 281 -10.99 -24.10 19.01
N ALA B 282 -9.96 -23.26 19.03
CA ALA B 282 -9.77 -22.27 17.98
C ALA B 282 -8.34 -22.34 17.44
N ILE B 283 -8.21 -22.33 16.13
CA ILE B 283 -6.89 -22.41 15.48
C ILE B 283 -6.47 -21.08 14.84
N GLY B 284 -5.17 -20.80 14.89
CA GLY B 284 -4.64 -19.58 14.30
C GLY B 284 -3.41 -19.88 13.48
N ASN B 285 -3.22 -19.13 12.39
CA ASN B 285 -2.04 -19.32 11.54
C ASN B 285 -1.40 -17.97 11.20
N ASP B 286 -0.09 -17.99 10.93
CA ASP B 286 0.63 -16.78 10.57
C ASP B 286 0.45 -16.55 9.07
N PRO B 287 1.03 -15.47 8.51
CA PRO B 287 0.91 -15.15 7.08
C PRO B 287 1.05 -16.29 6.07
N ASP B 288 2.09 -17.09 6.20
CA ASP B 288 2.27 -18.18 5.25
C ASP B 288 1.78 -19.49 5.85
N ALA B 289 1.13 -19.39 7.01
CA ALA B 289 0.55 -20.52 7.71
C ALA B 289 1.44 -21.74 7.90
N ASP B 290 2.73 -21.53 8.08
CA ASP B 290 3.62 -22.65 8.31
C ASP B 290 3.72 -22.85 9.82
N ARG B 291 3.13 -21.92 10.56
CA ARG B 291 3.11 -21.95 12.02
C ARG B 291 1.66 -22.00 12.52
N HIS B 292 1.47 -22.27 13.79
CA HIS B 292 0.13 -22.36 14.32
C HIS B 292 0.01 -21.91 15.78
N GLY B 293 -1.20 -21.54 16.17
CA GLY B 293 -1.47 -21.13 17.53
C GLY B 293 -2.71 -21.88 17.96
N ILE B 294 -2.74 -22.35 19.20
CA ILE B 294 -3.90 -23.11 19.68
C ILE B 294 -4.59 -22.45 20.85
N VAL B 295 -5.88 -22.18 20.67
CA VAL B 295 -6.68 -21.53 21.69
C VAL B 295 -7.77 -22.44 22.23
N THR B 296 -8.03 -22.34 23.53
CA THR B 296 -9.06 -23.12 24.18
C THR B 296 -9.66 -22.21 25.23
N PRO B 297 -10.75 -22.63 25.88
CA PRO B 297 -11.33 -21.77 26.91
C PRO B 297 -10.30 -21.33 27.95
N ARG B 298 -9.26 -22.14 28.17
CA ARG B 298 -8.25 -21.76 29.16
C ARG B 298 -7.31 -20.70 28.60
N GLY B 299 -7.33 -20.50 27.28
CA GLY B 299 -6.46 -19.50 26.67
C GLY B 299 -5.61 -19.97 25.51
N LEU B 300 -4.53 -19.25 25.25
CA LEU B 300 -3.60 -19.61 24.16
C LEU B 300 -2.50 -20.53 24.67
N MET B 301 -2.31 -21.67 24.02
CA MET B 301 -1.30 -22.64 24.43
C MET B 301 0.12 -22.24 24.07
N ASN B 302 1.05 -22.57 24.95
CA ASN B 302 2.47 -22.32 24.74
C ASN B 302 2.81 -23.27 23.60
N PRO B 303 3.47 -22.78 22.54
CA PRO B 303 3.83 -23.65 21.41
C PRO B 303 4.42 -25.00 21.85
N ASN B 304 5.48 -24.95 22.66
CA ASN B 304 6.14 -26.17 23.15
C ASN B 304 5.15 -27.14 23.80
N HIS B 305 4.19 -26.61 24.53
CA HIS B 305 3.21 -27.48 25.19
C HIS B 305 2.32 -28.19 24.20
N TYR B 306 1.91 -27.51 23.14
CA TYR B 306 1.06 -28.16 22.18
C TYR B 306 1.83 -29.27 21.47
N LEU B 307 3.05 -29.00 21.03
CA LEU B 307 3.86 -30.03 20.35
C LEU B 307 3.90 -31.28 21.22
N ALA B 308 4.15 -31.09 22.51
CA ALA B 308 4.21 -32.21 23.44
C ALA B 308 2.95 -33.07 23.31
N ALA B 309 1.79 -32.44 23.48
CA ALA B 309 0.52 -33.13 23.39
C ALA B 309 0.29 -33.75 22.01
N ALA B 310 0.53 -32.98 20.96
CA ALA B 310 0.32 -33.46 19.62
C ALA B 310 1.17 -34.72 19.37
N LEU B 311 2.42 -34.69 19.87
CA LEU B 311 3.33 -35.80 19.72
C LEU B 311 2.76 -37.07 20.36
N HIS B 312 2.27 -36.93 21.58
CA HIS B 312 1.70 -38.07 22.28
C HIS B 312 0.49 -38.63 21.56
N HIS B 313 -0.37 -37.74 21.08
CA HIS B 313 -1.56 -38.19 20.38
C HIS B 313 -1.16 -38.92 19.12
N LEU B 314 -0.20 -38.35 18.40
CA LEU B 314 0.26 -38.94 17.16
C LEU B 314 0.80 -40.36 17.31
N TYR B 315 1.85 -40.52 18.11
CA TYR B 315 2.47 -41.84 18.32
C TYR B 315 1.61 -42.79 19.14
N THR B 316 0.36 -42.42 19.32
CA THR B 316 -0.58 -43.22 20.10
C THR B 316 -1.69 -43.70 19.18
N THR B 317 -1.73 -43.13 17.98
CA THR B 317 -2.75 -43.49 16.99
C THR B 317 -2.17 -43.96 15.66
N ARG B 318 -0.99 -43.46 15.28
CA ARG B 318 -0.38 -43.89 14.03
C ARG B 318 0.56 -45.07 14.22
N SER B 319 0.70 -45.85 13.16
CA SER B 319 1.59 -46.98 13.15
C SER B 319 2.73 -46.54 12.25
N TRP B 320 3.80 -46.05 12.86
CA TRP B 320 4.93 -45.58 12.09
C TRP B 320 6.16 -46.40 12.45
N PRO B 321 6.18 -47.68 12.03
CA PRO B 321 7.29 -48.58 12.31
C PRO B 321 8.64 -47.92 12.05
N GLY B 322 9.52 -47.95 13.05
CA GLY B 322 10.84 -47.35 12.91
C GLY B 322 10.82 -45.90 12.47
N ALA B 323 10.05 -45.08 13.18
CA ALA B 323 9.96 -43.65 12.87
C ALA B 323 10.35 -42.89 14.12
N LYS B 324 11.40 -42.08 14.03
CA LYS B 324 11.88 -41.30 15.17
C LYS B 324 11.14 -39.98 15.35
N VAL B 325 11.37 -39.35 16.50
CA VAL B 325 10.76 -38.07 16.83
C VAL B 325 11.82 -37.00 16.59
N GLY B 326 11.59 -36.12 15.62
CA GLY B 326 12.55 -35.07 15.32
C GLY B 326 12.29 -33.75 16.03
N LYS B 327 13.36 -33.09 16.49
CA LYS B 327 13.23 -31.79 17.16
C LYS B 327 14.59 -31.10 17.19
N THR B 328 14.57 -29.78 17.34
CA THR B 328 15.81 -29.02 17.38
C THR B 328 16.43 -29.04 18.77
N ALA B 329 17.72 -28.70 18.84
CA ALA B 329 18.43 -28.71 20.10
C ALA B 329 17.81 -27.81 21.17
N VAL B 330 17.14 -26.74 20.73
CA VAL B 330 16.52 -25.84 21.69
C VAL B 330 15.04 -26.14 21.91
N THR B 331 14.55 -27.25 21.37
CA THR B 331 13.16 -27.60 21.53
C THR B 331 12.93 -28.29 22.87
N SER B 332 11.78 -28.05 23.47
CA SER B 332 11.46 -28.62 24.78
C SER B 332 11.87 -30.07 24.96
N ALA B 333 12.43 -30.36 26.12
CA ALA B 333 12.85 -31.71 26.44
C ALA B 333 11.65 -32.56 26.85
N LEU B 334 10.47 -31.95 26.93
CA LEU B 334 9.28 -32.73 27.29
C LEU B 334 9.00 -33.68 26.14
N LEU B 335 9.30 -33.25 24.92
CA LEU B 335 9.11 -34.13 23.78
C LEU B 335 10.01 -35.34 24.01
N ASP B 336 11.23 -35.10 24.47
CA ASP B 336 12.17 -36.19 24.73
C ASP B 336 11.53 -37.18 25.70
N ARG B 337 10.96 -36.66 26.79
CA ARG B 337 10.33 -37.52 27.77
C ARG B 337 9.07 -38.23 27.23
N VAL B 338 8.38 -37.59 26.30
CA VAL B 338 7.18 -38.18 25.71
C VAL B 338 7.57 -39.35 24.84
N ALA B 339 8.65 -39.18 24.09
CA ALA B 339 9.15 -40.24 23.21
C ALA B 339 9.60 -41.43 24.05
N GLN B 340 10.46 -41.18 25.03
CA GLN B 340 10.95 -42.28 25.86
C GLN B 340 9.79 -43.07 26.45
N ALA B 341 8.80 -42.36 26.99
CA ALA B 341 7.65 -43.03 27.58
C ALA B 341 6.91 -43.91 26.57
N LEU B 342 7.03 -43.56 25.29
CA LEU B 342 6.37 -44.32 24.23
C LEU B 342 7.32 -45.24 23.48
N GLY B 343 8.47 -45.51 24.08
CA GLY B 343 9.46 -46.37 23.44
C GLY B 343 9.94 -45.85 22.10
N ARG B 344 9.96 -44.54 21.94
CA ARG B 344 10.41 -43.94 20.69
C ARG B 344 11.72 -43.22 20.90
N GLU B 345 12.54 -43.19 19.86
CA GLU B 345 13.84 -42.53 19.93
C GLU B 345 13.77 -41.13 19.32
N VAL B 346 14.57 -40.22 19.85
CA VAL B 346 14.56 -38.86 19.34
C VAL B 346 15.75 -38.60 18.42
N TYR B 347 15.60 -37.64 17.53
CA TYR B 347 16.62 -37.26 16.58
C TYR B 347 16.79 -35.76 16.71
N GLU B 348 17.71 -35.32 17.56
CA GLU B 348 17.91 -33.89 17.78
C GLU B 348 18.83 -33.31 16.71
N THR B 349 18.48 -32.13 16.20
CA THR B 349 19.25 -31.46 15.17
C THR B 349 19.49 -30.01 15.57
N PRO B 350 20.26 -29.27 14.75
CA PRO B 350 20.51 -27.87 15.07
C PRO B 350 19.22 -27.13 14.70
N VAL B 351 19.12 -25.86 15.05
CA VAL B 351 17.93 -25.11 14.71
C VAL B 351 17.83 -25.12 13.18
N GLY B 352 16.61 -25.02 12.66
CA GLY B 352 16.41 -25.02 11.22
C GLY B 352 15.61 -26.24 10.80
N PHE B 353 14.35 -26.02 10.47
CA PHE B 353 13.45 -27.10 10.07
C PHE B 353 14.03 -27.93 8.91
N LYS B 354 14.97 -27.36 8.18
CA LYS B 354 15.58 -28.06 7.05
C LYS B 354 16.23 -29.37 7.48
N HIS B 355 16.76 -29.41 8.69
CA HIS B 355 17.41 -30.62 9.17
C HIS B 355 16.46 -31.81 9.27
N PHE B 356 15.15 -31.56 9.18
CA PHE B 356 14.15 -32.63 9.28
C PHE B 356 13.68 -33.12 7.92
N VAL B 357 13.83 -32.29 6.89
CA VAL B 357 13.37 -32.63 5.55
C VAL B 357 13.67 -34.03 5.05
N ALA B 358 14.94 -34.39 5.00
CA ALA B 358 15.33 -35.72 4.53
C ALA B 358 14.60 -36.78 5.35
N GLY B 359 14.60 -36.58 6.67
CA GLY B 359 13.95 -37.53 7.57
C GLY B 359 12.48 -37.75 7.30
N LEU B 360 11.75 -36.68 6.97
CA LEU B 360 10.33 -36.80 6.71
C LEU B 360 10.10 -37.37 5.32
N LEU B 361 10.88 -36.90 4.36
CA LEU B 361 10.76 -37.34 2.98
C LEU B 361 11.00 -38.84 2.82
N GLU B 362 11.85 -39.40 3.68
CA GLU B 362 12.18 -40.82 3.60
C GLU B 362 11.43 -41.71 4.59
N GLY B 363 10.70 -41.09 5.51
CA GLY B 363 9.90 -41.87 6.44
C GLY B 363 10.46 -42.27 7.79
N TRP B 364 11.71 -41.93 8.11
CA TRP B 364 12.21 -42.32 9.43
C TRP B 364 11.95 -41.28 10.52
N LEU B 365 11.22 -40.22 10.17
CA LEU B 365 10.83 -39.18 11.14
C LEU B 365 9.32 -39.06 11.10
N GLY B 366 8.65 -39.58 12.11
CA GLY B 366 7.19 -39.51 12.12
C GLY B 366 6.69 -38.10 12.39
N PHE B 367 7.32 -37.43 13.34
CA PHE B 367 6.98 -36.08 13.74
C PHE B 367 8.24 -35.23 13.83
N ALA B 368 8.17 -33.99 13.37
CA ALA B 368 9.30 -33.08 13.42
C ALA B 368 8.81 -31.70 13.80
N GLY B 369 9.36 -31.14 14.89
CA GLY B 369 8.93 -29.82 15.32
C GLY B 369 9.98 -28.95 15.99
N GLU B 370 9.75 -27.64 15.96
CA GLU B 370 10.64 -26.66 16.57
C GLU B 370 9.90 -26.00 17.74
N GLU B 371 10.62 -25.23 18.54
CA GLU B 371 9.98 -24.55 19.67
C GLU B 371 9.36 -23.24 19.20
N SER B 372 9.54 -22.95 17.91
CA SER B 372 9.03 -21.73 17.30
C SER B 372 7.62 -21.88 16.73
N ALA B 373 6.87 -22.85 17.27
CA ALA B 373 5.50 -23.10 16.83
C ALA B 373 5.43 -23.59 15.38
N GLY B 374 6.34 -24.50 15.01
CA GLY B 374 6.35 -25.05 13.66
C GLY B 374 6.55 -26.56 13.71
N ALA B 375 5.84 -27.29 12.84
CA ALA B 375 5.96 -28.74 12.82
C ALA B 375 5.23 -29.39 11.66
N SER B 376 5.34 -30.70 11.59
CA SER B 376 4.69 -31.48 10.56
C SER B 376 4.89 -32.93 10.90
N PHE B 377 4.10 -33.79 10.30
CA PHE B 377 4.23 -35.21 10.58
C PHE B 377 3.87 -35.98 9.34
N LEU B 378 3.99 -37.30 9.40
CA LEU B 378 3.70 -38.13 8.24
C LEU B 378 2.22 -38.50 8.12
N ARG B 379 1.81 -38.75 6.90
CA ARG B 379 0.47 -39.34 6.78
C ARG B 379 0.48 -40.77 7.35
N PHE B 380 -0.71 -41.31 7.52
CA PHE B 380 -0.91 -42.66 8.07
C PHE B 380 -0.02 -43.66 7.33
N ASP B 381 -0.15 -43.64 6.02
CA ASP B 381 0.62 -44.51 5.12
C ASP B 381 2.02 -44.75 5.68
N GLY B 382 2.63 -43.64 6.06
CA GLY B 382 3.99 -43.58 6.60
C GLY B 382 4.85 -42.70 5.68
N ARG B 383 4.20 -42.34 4.59
CA ARG B 383 4.76 -41.49 3.54
C ARG B 383 4.72 -40.03 3.98
N PRO B 384 5.41 -39.19 3.40
CA PRO B 384 5.39 -37.79 3.83
C PRO B 384 4.18 -37.02 3.35
N PHE B 385 3.64 -36.15 4.20
CA PHE B 385 2.51 -35.34 3.77
C PHE B 385 3.09 -34.03 3.28
N SER B 386 3.74 -33.32 4.20
CA SER B 386 4.38 -32.03 3.89
C SER B 386 5.77 -32.04 4.51
N THR B 387 6.79 -31.72 3.72
CA THR B 387 8.15 -31.72 4.23
C THR B 387 8.57 -30.38 4.85
N ASP B 388 7.68 -29.39 4.79
CA ASP B 388 7.95 -28.09 5.38
C ASP B 388 6.96 -27.97 6.54
N LYS B 389 7.11 -26.95 7.37
CA LYS B 389 6.20 -26.77 8.50
C LYS B 389 4.78 -26.51 7.99
N ASP B 390 3.81 -27.20 8.58
CA ASP B 390 2.41 -27.07 8.16
C ASP B 390 1.54 -26.58 9.31
N GLY B 391 1.16 -25.31 9.28
CA GLY B 391 0.34 -24.77 10.35
C GLY B 391 -1.09 -25.27 10.29
N ILE B 392 -1.54 -25.59 9.07
CA ILE B 392 -2.88 -26.09 8.84
C ILE B 392 -3.00 -27.50 9.40
N LEU B 393 -2.08 -28.37 9.00
CA LEU B 393 -2.06 -29.76 9.46
C LEU B 393 -2.04 -29.82 11.00
N MET B 394 -1.25 -28.95 11.62
CA MET B 394 -1.17 -28.93 13.08
C MET B 394 -2.47 -28.43 13.69
N GLY B 395 -3.17 -27.57 12.97
CA GLY B 395 -4.44 -27.06 13.48
C GLY B 395 -5.47 -28.16 13.40
N LEU B 396 -5.53 -28.83 12.25
CA LEU B 396 -6.49 -29.92 12.06
C LEU B 396 -6.28 -31.00 13.11
N LEU B 397 -5.01 -31.27 13.42
CA LEU B 397 -4.67 -32.30 14.40
C LEU B 397 -5.20 -32.00 15.78
N ALA B 398 -5.16 -30.74 16.17
CA ALA B 398 -5.68 -30.37 17.49
C ALA B 398 -7.13 -30.81 17.55
N ALA B 399 -7.83 -30.57 16.44
CA ALA B 399 -9.24 -30.93 16.31
C ALA B 399 -9.38 -32.44 16.40
N GLU B 400 -8.59 -33.16 15.60
CA GLU B 400 -8.64 -34.61 15.62
C GLU B 400 -8.30 -35.16 17.01
N LEU B 401 -7.33 -34.54 17.66
CA LEU B 401 -6.91 -34.94 19.00
C LEU B 401 -8.07 -34.82 19.99
N MET B 402 -8.77 -33.68 19.98
CA MET B 402 -9.88 -33.48 20.91
C MET B 402 -10.99 -34.47 20.54
N ALA B 403 -11.20 -34.67 19.25
CA ALA B 403 -12.22 -35.60 18.76
C ALA B 403 -11.96 -37.01 19.29
N LYS B 404 -10.95 -37.66 18.73
CA LYS B 404 -10.62 -39.03 19.12
C LYS B 404 -10.33 -39.27 20.61
N ARG B 405 -9.72 -38.32 21.29
CA ARG B 405 -9.40 -38.51 22.71
C ARG B 405 -10.44 -38.05 23.71
N GLY B 406 -11.47 -37.33 23.26
CA GLY B 406 -12.45 -36.84 24.19
C GLY B 406 -11.78 -36.01 25.27
N GLN B 407 -10.73 -35.28 24.88
CA GLN B 407 -9.98 -34.46 25.80
C GLN B 407 -9.29 -33.32 25.02
N ALA B 408 -9.34 -32.11 25.56
CA ALA B 408 -8.73 -30.96 24.90
C ALA B 408 -7.23 -31.09 24.85
N PRO B 409 -6.57 -30.44 23.88
CA PRO B 409 -5.11 -30.54 23.80
C PRO B 409 -4.35 -30.04 25.03
N ASP B 410 -4.76 -28.90 25.59
CA ASP B 410 -4.08 -28.37 26.77
C ASP B 410 -4.29 -29.25 28.00
N ALA B 411 -5.38 -30.00 28.02
CA ALA B 411 -5.63 -30.91 29.15
C ALA B 411 -4.74 -32.14 28.98
N LEU B 412 -4.39 -32.46 27.74
CA LEU B 412 -3.52 -33.60 27.46
C LEU B 412 -2.12 -33.20 27.93
N TYR B 413 -1.72 -31.97 27.61
CA TYR B 413 -0.42 -31.48 28.04
C TYR B 413 -0.33 -31.59 29.57
N GLU B 414 -1.43 -31.26 30.24
CA GLU B 414 -1.51 -31.32 31.70
C GLU B 414 -1.25 -32.73 32.21
N ALA B 415 -1.85 -33.72 31.55
CA ALA B 415 -1.67 -35.10 31.94
C ALA B 415 -0.21 -35.50 31.70
N LEU B 416 0.38 -34.97 30.63
CA LEU B 416 1.77 -35.27 30.30
C LEU B 416 2.73 -34.63 31.30
N ALA B 417 2.47 -33.38 31.66
CA ALA B 417 3.32 -32.68 32.60
C ALA B 417 3.33 -33.37 33.95
N GLU B 418 2.16 -33.82 34.40
CA GLU B 418 2.06 -34.49 35.68
C GLU B 418 2.77 -35.82 35.74
N LYS B 419 2.63 -36.61 34.69
CA LYS B 419 3.25 -37.92 34.66
C LYS B 419 4.72 -37.91 34.28
N LEU B 420 5.07 -37.18 33.22
CA LEU B 420 6.45 -37.15 32.74
C LEU B 420 7.34 -36.01 33.26
N GLY B 421 6.74 -34.98 33.84
CA GLY B 421 7.51 -33.86 34.34
C GLY B 421 7.06 -32.55 33.72
N ARG B 422 6.99 -31.50 34.52
CA ARG B 422 6.55 -30.19 34.05
C ARG B 422 7.73 -29.28 33.67
N PRO B 423 7.80 -28.85 32.40
CA PRO B 423 8.86 -27.98 31.89
C PRO B 423 8.62 -26.47 32.12
N TYR B 424 9.70 -25.76 32.44
CA TYR B 424 9.68 -24.32 32.66
C TYR B 424 10.73 -23.80 31.71
N TYR B 425 10.27 -23.12 30.66
CA TYR B 425 11.16 -22.60 29.63
C TYR B 425 11.37 -21.11 29.74
N ALA B 426 12.52 -20.66 29.27
CA ALA B 426 12.85 -19.24 29.29
C ALA B 426 13.99 -19.00 28.34
N ARG B 427 14.16 -17.75 27.94
CA ARG B 427 15.26 -17.40 27.06
C ARG B 427 15.57 -15.92 27.17
N LYS B 428 16.84 -15.58 27.09
CA LYS B 428 17.25 -14.20 27.19
C LYS B 428 18.41 -13.95 26.24
N ASP B 429 18.68 -12.69 25.97
CA ASP B 429 19.77 -12.31 25.08
C ASP B 429 20.78 -11.51 25.87
N LEU B 430 22.06 -11.86 25.74
CA LEU B 430 23.10 -11.16 26.45
C LEU B 430 23.87 -10.29 25.46
N PRO B 431 23.72 -8.96 25.56
CA PRO B 431 24.43 -8.07 24.64
C PRO B 431 25.93 -8.35 24.72
N VAL B 432 26.58 -8.49 23.57
CA VAL B 432 28.01 -8.77 23.56
C VAL B 432 28.78 -7.86 22.61
N SER B 433 30.00 -7.51 23.01
CA SER B 433 30.86 -6.65 22.20
C SER B 433 31.17 -7.35 20.89
N PRO B 434 31.18 -6.59 19.77
CA PRO B 434 31.47 -7.12 18.43
C PRO B 434 32.64 -8.12 18.39
N GLU B 435 33.54 -7.99 19.35
CA GLU B 435 34.71 -8.86 19.43
C GLU B 435 34.36 -10.17 20.14
N ALA B 436 33.64 -10.07 21.25
CA ALA B 436 33.24 -11.26 22.00
C ALA B 436 32.35 -12.13 21.13
N LYS B 437 31.48 -11.48 20.37
CA LYS B 437 30.56 -12.16 19.46
C LYS B 437 31.32 -13.14 18.56
N ALA B 438 32.50 -12.74 18.13
CA ALA B 438 33.32 -13.57 17.27
C ALA B 438 33.97 -14.69 18.10
N ARG B 439 34.26 -14.38 19.36
CA ARG B 439 34.86 -15.36 20.26
C ARG B 439 33.84 -16.47 20.53
N LEU B 440 32.57 -16.10 20.57
CA LEU B 440 31.49 -17.06 20.81
C LEU B 440 31.43 -18.06 19.65
N ALA B 441 31.63 -17.55 18.45
CA ALA B 441 31.60 -18.38 17.25
C ALA B 441 32.61 -19.53 17.29
N ARG B 442 33.77 -19.28 17.90
CA ARG B 442 34.83 -20.29 18.00
C ARG B 442 34.74 -21.14 19.26
N LEU B 443 33.89 -20.72 20.19
CA LEU B 443 33.71 -21.47 21.43
C LEU B 443 33.27 -22.89 21.13
N SER B 444 33.72 -23.85 21.94
CA SER B 444 33.35 -25.24 21.74
C SER B 444 33.15 -25.96 23.06
N ALA B 445 32.61 -27.17 23.00
CA ALA B 445 32.32 -27.96 24.19
C ALA B 445 33.46 -28.03 25.22
N LYS B 446 34.68 -28.18 24.75
CA LYS B 446 35.84 -28.29 25.64
C LYS B 446 36.09 -27.08 26.53
N GLU B 447 35.67 -25.90 26.09
CA GLU B 447 35.89 -24.67 26.84
C GLU B 447 34.75 -24.38 27.83
N VAL B 448 33.69 -25.18 27.76
CA VAL B 448 32.54 -25.02 28.63
C VAL B 448 32.28 -26.34 29.35
N HIS B 449 32.98 -26.57 30.45
CA HIS B 449 32.78 -27.82 31.17
C HIS B 449 32.59 -27.73 32.67
N PRO B 450 31.43 -27.24 33.10
CA PRO B 450 31.15 -27.13 34.54
C PRO B 450 30.78 -28.55 35.00
N SER B 451 31.04 -28.86 36.27
CA SER B 451 30.72 -30.19 36.76
C SER B 451 29.25 -30.22 37.20
N THR B 452 28.71 -29.04 37.48
CA THR B 452 27.33 -28.92 37.93
C THR B 452 26.48 -27.88 37.18
N LEU B 453 25.16 -28.07 37.23
CA LEU B 453 24.22 -27.15 36.63
C LEU B 453 23.12 -27.08 37.66
N ALA B 454 22.91 -25.89 38.21
CA ALA B 454 21.87 -25.69 39.22
C ALA B 454 21.77 -26.87 40.19
N GLY B 455 22.91 -27.30 40.72
CA GLY B 455 22.90 -28.38 41.69
C GLY B 455 22.83 -29.79 41.15
N GLU B 456 22.86 -29.96 39.82
CA GLU B 456 22.81 -31.29 39.25
C GLU B 456 24.10 -31.63 38.49
N PRO B 457 24.49 -32.91 38.50
CA PRO B 457 25.70 -33.36 37.81
C PRO B 457 25.52 -33.20 36.30
N VAL B 458 26.40 -32.43 35.68
CA VAL B 458 26.32 -32.24 34.24
C VAL B 458 26.48 -33.61 33.57
N LEU B 459 25.50 -33.99 32.76
CA LEU B 459 25.54 -35.27 32.06
C LEU B 459 26.17 -35.13 30.67
N GLN B 460 26.13 -33.92 30.12
CA GLN B 460 26.70 -33.69 28.80
C GLN B 460 26.94 -32.23 28.49
N VAL B 461 27.89 -32.00 27.59
CA VAL B 461 28.21 -30.66 27.12
C VAL B 461 28.38 -30.95 25.63
N LEU B 462 27.61 -30.27 24.79
CA LEU B 462 27.67 -30.54 23.36
C LEU B 462 27.84 -29.31 22.49
N ASP B 463 28.41 -29.52 21.31
CA ASP B 463 28.56 -28.46 20.33
C ASP B 463 28.20 -29.07 18.97
N ARG B 464 27.56 -30.24 19.04
CA ARG B 464 27.09 -30.96 17.87
C ARG B 464 25.76 -31.61 18.21
N ALA B 465 24.88 -31.71 17.20
CA ALA B 465 23.56 -32.30 17.42
C ALA B 465 23.67 -33.81 17.52
N THR B 466 23.04 -34.36 18.56
CA THR B 466 23.05 -35.79 18.83
C THR B 466 22.52 -36.68 17.71
N GLY B 467 21.57 -36.17 16.93
CA GLY B 467 21.00 -36.96 15.86
C GLY B 467 21.83 -37.11 14.61
N ASN B 468 22.28 -36.00 14.05
CA ASN B 468 23.06 -36.00 12.82
C ASN B 468 24.53 -35.66 13.01
N GLY B 469 24.92 -35.38 14.25
CA GLY B 469 26.30 -35.04 14.53
C GLY B 469 26.83 -33.77 13.92
N GLU B 470 25.96 -32.98 13.27
CA GLU B 470 26.39 -31.73 12.66
C GLU B 470 26.68 -30.68 13.72
N PRO B 471 27.57 -29.73 13.43
CA PRO B 471 27.85 -28.70 14.44
C PRO B 471 26.54 -27.93 14.67
N LEU B 472 26.32 -27.41 15.87
CA LEU B 472 25.08 -26.69 16.10
C LEU B 472 25.18 -25.19 16.37
N GLY B 473 26.38 -24.63 16.18
CA GLY B 473 26.56 -23.20 16.42
C GLY B 473 26.17 -22.87 17.84
N GLY B 474 27.13 -22.91 18.76
CA GLY B 474 26.84 -22.62 20.16
C GLY B 474 26.91 -23.93 20.91
N ILE B 475 26.73 -23.92 22.22
CA ILE B 475 26.83 -25.17 22.96
C ILE B 475 25.61 -25.43 23.82
N LYS B 476 25.43 -26.68 24.20
CA LYS B 476 24.31 -27.08 25.02
C LYS B 476 24.86 -27.84 26.22
N VAL B 477 24.43 -27.47 27.42
CA VAL B 477 24.85 -28.13 28.65
C VAL B 477 23.62 -28.89 29.08
N VAL B 478 23.77 -30.18 29.39
CA VAL B 478 22.63 -31.00 29.75
C VAL B 478 22.73 -31.75 31.06
N ALA B 479 21.65 -31.66 31.86
CA ALA B 479 21.56 -32.33 33.15
C ALA B 479 20.29 -33.16 33.18
N ALA B 480 20.13 -33.98 34.20
CA ALA B 480 18.96 -34.84 34.35
C ALA B 480 17.60 -34.14 34.20
N ASN B 481 17.43 -32.99 34.87
CA ASN B 481 16.16 -32.28 34.84
C ASN B 481 16.21 -30.89 34.24
N ALA B 482 17.38 -30.46 33.79
CA ALA B 482 17.50 -29.14 33.20
C ALA B 482 18.64 -29.12 32.20
N TRP B 483 18.59 -28.15 31.30
CA TRP B 483 19.61 -27.98 30.30
C TRP B 483 19.58 -26.54 29.87
N PHE B 484 20.60 -26.11 29.14
CA PHE B 484 20.62 -24.75 28.63
C PHE B 484 21.49 -24.75 27.39
N ALA B 485 21.24 -23.81 26.50
CA ALA B 485 22.01 -23.73 25.29
C ALA B 485 22.26 -22.26 25.02
N VAL B 486 23.28 -21.99 24.22
CA VAL B 486 23.61 -20.62 23.89
C VAL B 486 24.25 -20.58 22.51
N ARG B 487 23.64 -19.80 21.62
CA ARG B 487 24.15 -19.66 20.26
C ARG B 487 24.17 -18.19 19.86
N PRO B 488 25.07 -17.83 18.93
CA PRO B 488 25.21 -16.46 18.45
C PRO B 488 24.07 -16.02 17.53
N SER B 489 23.65 -14.77 17.68
CA SER B 489 22.59 -14.22 16.86
C SER B 489 23.15 -13.84 15.49
N GLY B 490 22.72 -14.56 14.46
CA GLY B 490 23.21 -14.27 13.12
C GLY B 490 22.89 -12.89 12.57
N THR B 491 22.34 -12.02 13.40
CA THR B 491 21.99 -10.66 12.95
C THR B 491 22.66 -9.56 13.76
N GLU B 492 22.42 -9.53 15.07
CA GLU B 492 23.02 -8.53 15.92
C GLU B 492 24.04 -9.13 16.89
N ASP B 493 24.95 -8.31 17.39
CA ASP B 493 25.98 -8.77 18.31
C ASP B 493 25.47 -9.09 19.70
N VAL B 494 24.87 -10.27 19.83
CA VAL B 494 24.30 -10.74 21.08
C VAL B 494 24.32 -12.26 21.15
N ALA B 495 24.32 -12.79 22.36
CA ALA B 495 24.32 -14.23 22.56
C ALA B 495 22.90 -14.67 22.94
N LYS B 496 22.34 -15.61 22.19
CA LYS B 496 21.01 -16.11 22.45
C LYS B 496 21.07 -17.32 23.40
N VAL B 497 20.62 -17.13 24.63
CA VAL B 497 20.62 -18.23 25.59
C VAL B 497 19.20 -18.77 25.80
N TYR B 498 19.10 -20.09 25.76
CA TYR B 498 17.85 -20.81 25.95
C TYR B 498 18.06 -21.65 27.19
N ALA B 499 17.01 -21.85 27.97
CA ALA B 499 17.13 -22.64 29.19
C ALA B 499 15.80 -23.25 29.53
N GLU B 500 15.84 -24.46 30.10
CA GLU B 500 14.62 -25.15 30.48
C GLU B 500 14.89 -25.93 31.75
N SER B 501 13.85 -26.28 32.48
CA SER B 501 14.03 -27.00 33.72
C SER B 501 12.73 -27.68 34.12
N PHE B 502 12.85 -28.85 34.76
CA PHE B 502 11.69 -29.59 35.21
C PHE B 502 11.57 -29.51 36.73
N LEU B 503 12.25 -28.54 37.34
CA LEU B 503 12.22 -28.41 38.78
C LEU B 503 11.55 -27.13 39.30
N GLY B 504 11.12 -26.25 38.40
CA GLY B 504 10.46 -25.04 38.84
C GLY B 504 11.08 -23.72 38.42
N GLU B 505 10.37 -22.63 38.69
CA GLU B 505 10.83 -21.28 38.35
C GLU B 505 12.10 -20.87 39.09
N ALA B 506 12.20 -21.24 40.36
CA ALA B 506 13.38 -20.92 41.15
C ALA B 506 14.59 -21.61 40.53
N HIS B 507 14.43 -22.90 40.22
CA HIS B 507 15.51 -23.67 39.63
C HIS B 507 15.88 -23.08 38.26
N LEU B 508 14.87 -22.75 37.46
CA LEU B 508 15.10 -22.18 36.13
C LEU B 508 15.95 -20.92 36.17
N GLU B 509 15.74 -20.09 37.18
CA GLU B 509 16.52 -18.85 37.34
C GLU B 509 17.95 -19.23 37.67
N ARG B 510 18.10 -20.26 38.50
CA ARG B 510 19.41 -20.74 38.90
C ARG B 510 20.19 -21.20 37.67
N VAL B 511 19.48 -21.78 36.71
CA VAL B 511 20.11 -22.25 35.47
C VAL B 511 20.49 -21.07 34.58
N LEU B 512 19.62 -20.08 34.49
CA LEU B 512 19.91 -18.91 33.68
C LEU B 512 21.11 -18.14 34.24
N GLU B 513 21.16 -18.01 35.56
CA GLU B 513 22.25 -17.30 36.21
C GLU B 513 23.56 -17.98 35.86
N GLU B 514 23.67 -19.26 36.19
CA GLU B 514 24.88 -20.01 35.89
C GLU B 514 25.21 -19.95 34.39
N ALA B 515 24.18 -20.01 33.55
CA ALA B 515 24.41 -19.95 32.11
C ALA B 515 25.05 -18.62 31.77
N THR B 516 24.42 -17.55 32.21
CA THR B 516 24.93 -16.20 31.96
C THR B 516 26.36 -16.12 32.50
N ALA B 517 26.52 -16.47 33.77
CA ALA B 517 27.83 -16.46 34.40
C ALA B 517 28.83 -17.17 33.50
N LEU B 518 28.71 -18.50 33.41
CA LEU B 518 29.60 -19.31 32.59
C LEU B 518 29.87 -18.68 31.23
N LEU B 519 28.82 -18.14 30.63
CA LEU B 519 28.91 -17.52 29.32
C LEU B 519 29.90 -16.37 29.27
N HIS B 520 29.88 -15.50 30.27
CA HIS B 520 30.79 -14.37 30.28
C HIS B 520 32.23 -14.78 30.60
N LYS B 521 32.40 -15.80 31.44
CA LYS B 521 33.74 -16.26 31.78
C LYS B 521 34.47 -16.73 30.52
N ALA B 522 33.75 -17.47 29.69
CA ALA B 522 34.31 -18.02 28.45
C ALA B 522 34.52 -16.97 27.37
N LEU B 523 33.75 -15.90 27.39
CA LEU B 523 33.89 -14.84 26.40
C LEU B 523 34.69 -13.66 26.92
N ALA B 524 35.44 -13.90 28.00
CA ALA B 524 36.27 -12.87 28.61
C ALA B 524 37.65 -12.86 27.97
#